data_4GL4
#
_entry.id   4GL4
#
_cell.length_a   91.634
_cell.length_b   91.634
_cell.length_c   173.184
_cell.angle_alpha   90.00
_cell.angle_beta   90.00
_cell.angle_gamma   120.00
#
_symmetry.space_group_name_H-M   'P 31 2 1'
#
loop_
_entity.id
_entity.type
_entity.pdbx_description
1 polymer 'Alcohol dehydrogenase class-3'
2 non-polymer 'ZINC ION'
3 non-polymer '1,4-DIHYDRONICOTINAMIDE ADENINE DINUCLEOTIDE'
4 non-polymer 'SULFATE ION'
5 water water
#
_entity_poly.entity_id   1
_entity_poly.type   'polypeptide(L)'
_entity_poly.pdbx_seq_one_letter_code
;ATQGQVITCKAAVAYEPNKPLVIEDVQVAPPQAGEVRIKILYTALCHTDAYTWSGKDPEGLFPCILGHEAAGIVESVGEG
VTEVQAGDHVIPCYQAECRECKFCKSGKTNLCGKVRSATGVGIMMNDRKSRFSVNGKPIYHFMGTSTFSQYTVVHDVSVA
KIDPTAPLDKVCLLGCGVPTGLGAVWNTAKVEPGSNVAIFGLGTVGLAVAEGAKTAGASRIIGIDIDSKKYETAKKFGVN
EFVNPKDHDKPIQEVIVDLTDGGVDYSFECIGNVSVMRAALECCHKGWGTSVIVGVAASGQEISTRPFQLVTGRVWKGTA
FGGFKSRTQVPWLVEKYMNKEIKVDEYITHNLTLGEINKAFDLLHEGTCLRCVLDTSK
;
_entity_poly.pdbx_strand_id   A,B
#
# COMPACT_ATOMS: atom_id res chain seq x y z
N ALA A 1 -43.75 -33.13 -1.46
CA ALA A 1 -42.48 -32.56 -2.01
C ALA A 1 -42.75 -31.28 -2.82
N THR A 2 -41.95 -30.25 -2.56
CA THR A 2 -41.74 -29.19 -3.54
C THR A 2 -40.53 -29.57 -4.41
N GLN A 3 -39.78 -30.61 -4.03
CA GLN A 3 -38.53 -30.91 -4.72
C GLN A 3 -38.69 -31.44 -6.19
N GLY A 4 -37.89 -30.88 -7.11
CA GLY A 4 -37.97 -31.21 -8.53
C GLY A 4 -39.03 -30.39 -9.24
N GLN A 5 -39.79 -29.62 -8.45
CA GLN A 5 -40.92 -28.86 -8.96
C GLN A 5 -40.60 -27.39 -8.92
N VAL A 6 -41.24 -26.65 -9.79
CA VAL A 6 -41.27 -25.21 -9.71
C VAL A 6 -42.00 -24.80 -8.41
N ILE A 7 -41.56 -23.71 -7.78
CA ILE A 7 -42.20 -23.21 -6.58
C ILE A 7 -42.67 -21.80 -6.87
N THR A 8 -43.93 -21.54 -6.57
CA THR A 8 -44.46 -20.21 -6.69
C THR A 8 -44.43 -19.59 -5.33
N CYS A 9 -44.01 -18.34 -5.29
CA CYS A 9 -43.71 -17.70 -4.01
C CYS A 9 -43.68 -16.20 -4.15
N LYS A 10 -43.59 -15.51 -3.01
CA LYS A 10 -43.53 -14.07 -3.01
C LYS A 10 -42.09 -13.64 -3.16
N ALA A 11 -41.90 -12.53 -3.86
CA ALA A 11 -40.58 -11.95 -4.04
C ALA A 11 -40.77 -10.51 -4.43
N ALA A 12 -39.82 -9.67 -4.01
CA ALA A 12 -39.79 -8.27 -4.38
C ALA A 12 -38.98 -8.12 -5.65
N VAL A 13 -39.68 -7.77 -6.75
CA VAL A 13 -39.07 -7.56 -8.05
C VAL A 13 -38.82 -6.07 -8.30
N ALA A 14 -37.58 -5.75 -8.70
CA ALA A 14 -37.25 -4.38 -9.12
C ALA A 14 -37.27 -4.42 -10.65
N TYR A 15 -38.20 -3.66 -11.22
CA TYR A 15 -38.44 -3.60 -12.68
C TYR A 15 -37.71 -2.46 -13.30
N GLU A 16 -37.54 -1.37 -12.55
CA GLU A 16 -36.89 -0.18 -13.05
C GLU A 16 -36.18 0.57 -11.93
N PRO A 17 -35.08 1.24 -12.27
CA PRO A 17 -34.43 2.05 -11.28
C PRO A 17 -35.40 3.02 -10.62
N ASN A 18 -35.34 3.14 -9.30
CA ASN A 18 -36.10 4.16 -8.54
C ASN A 18 -37.61 3.97 -8.41
N LYS A 19 -38.19 3.07 -9.19
CA LYS A 19 -39.60 2.75 -9.02
C LYS A 19 -39.81 1.83 -7.77
N PRO A 20 -40.96 1.99 -7.08
CA PRO A 20 -41.28 1.06 -6.01
C PRO A 20 -41.20 -0.41 -6.42
N LEU A 21 -40.60 -1.22 -5.55
CA LEU A 21 -40.47 -2.63 -5.79
CA LEU A 21 -40.48 -2.65 -5.77
C LEU A 21 -41.87 -3.22 -5.77
N VAL A 22 -42.15 -4.16 -6.64
CA VAL A 22 -43.44 -4.76 -6.63
C VAL A 22 -43.35 -6.18 -6.08
N ILE A 23 -44.24 -6.49 -5.14
CA ILE A 23 -44.33 -7.83 -4.57
C ILE A 23 -45.18 -8.73 -5.46
N GLU A 24 -44.52 -9.49 -6.33
CA GLU A 24 -45.16 -10.42 -7.26
C GLU A 24 -45.20 -11.82 -6.68
N ASP A 25 -46.03 -12.64 -7.29
CA ASP A 25 -45.87 -14.07 -7.23
C ASP A 25 -44.85 -14.42 -8.34
N VAL A 26 -43.81 -15.18 -8.00
CA VAL A 26 -42.80 -15.56 -8.96
C VAL A 26 -42.64 -17.06 -8.92
N GLN A 27 -42.13 -17.59 -10.04
CA GLN A 27 -41.78 -18.97 -10.21
C GLN A 27 -40.28 -19.13 -9.96
N VAL A 28 -39.92 -20.03 -9.05
CA VAL A 28 -38.54 -20.37 -8.77
C VAL A 28 -38.29 -21.78 -9.32
N ALA A 29 -37.51 -21.90 -10.40
CA ALA A 29 -37.19 -23.22 -11.00
C ALA A 29 -36.44 -24.13 -10.04
N PRO A 30 -36.50 -25.44 -10.26
CA PRO A 30 -35.76 -26.29 -9.33
C PRO A 30 -34.24 -26.12 -9.56
N PRO A 31 -33.42 -26.54 -8.59
CA PRO A 31 -31.98 -26.41 -8.76
C PRO A 31 -31.39 -27.40 -9.76
N GLN A 32 -30.53 -26.94 -10.65
CA GLN A 32 -29.75 -27.83 -11.50
C GLN A 32 -28.44 -28.23 -10.82
N ALA A 33 -27.54 -28.89 -11.54
CA ALA A 33 -26.30 -29.39 -10.93
C ALA A 33 -25.55 -28.27 -10.22
N GLY A 34 -25.09 -28.57 -9.02
CA GLY A 34 -24.28 -27.65 -8.23
C GLY A 34 -25.05 -26.53 -7.57
N GLU A 35 -26.38 -26.59 -7.59
CA GLU A 35 -27.23 -25.50 -7.11
C GLU A 35 -28.00 -25.93 -5.86
N VAL A 36 -28.45 -24.91 -5.14
CA VAL A 36 -29.13 -25.03 -3.88
C VAL A 36 -30.29 -24.07 -3.87
N ARG A 37 -31.49 -24.62 -3.61
CA ARG A 37 -32.68 -23.84 -3.45
C ARG A 37 -32.94 -23.67 -1.99
N ILE A 38 -33.06 -22.42 -1.57
CA ILE A 38 -33.15 -22.05 -0.18
C ILE A 38 -34.44 -21.28 0.13
N LYS A 39 -35.09 -21.70 1.22
CA LYS A 39 -36.23 -21.03 1.78
C LYS A 39 -35.63 -19.95 2.62
N ILE A 40 -35.83 -18.71 2.19
CA ILE A 40 -35.20 -17.58 2.84
C ILE A 40 -36.20 -17.16 3.86
N LEU A 41 -35.81 -17.10 5.14
CA LEU A 41 -36.70 -16.69 6.21
C LEU A 41 -36.58 -15.23 6.62
N TYR A 42 -35.34 -14.74 6.69
CA TYR A 42 -35.08 -13.35 6.95
C TYR A 42 -33.98 -12.82 6.02
N THR A 43 -34.13 -11.56 5.61
CA THR A 43 -33.15 -10.87 4.73
C THR A 43 -33.00 -9.42 5.19
N ALA A 44 -31.77 -8.95 5.26
CA ALA A 44 -31.49 -7.59 5.63
C ALA A 44 -31.30 -6.77 4.37
N LEU A 45 -31.43 -5.47 4.46
CA LEU A 45 -31.10 -4.70 3.28
C LEU A 45 -30.04 -3.75 3.63
N CYS A 46 -29.26 -3.38 2.62
CA CYS A 46 -28.25 -2.37 2.81
C CYS A 46 -28.06 -1.55 1.56
N HIS A 47 -27.21 -0.54 1.67
CA HIS A 47 -27.00 0.45 0.63
C HIS A 47 -26.54 -0.21 -0.66
N THR A 48 -25.91 -1.39 -0.57
CA THR A 48 -25.55 -2.09 -1.82
C THR A 48 -26.77 -2.45 -2.66
N ASP A 49 -27.83 -2.90 -2.00
CA ASP A 49 -29.11 -3.12 -2.65
C ASP A 49 -29.66 -1.82 -3.29
N ALA A 50 -29.74 -0.77 -2.49
CA ALA A 50 -30.30 0.53 -2.88
C ALA A 50 -29.54 1.16 -4.03
N TYR A 51 -28.21 1.07 -3.96
CA TYR A 51 -27.36 1.53 -5.05
C TYR A 51 -27.81 0.95 -6.36
N THR A 52 -27.91 -0.37 -6.44
CA THR A 52 -28.35 -0.99 -7.70
C THR A 52 -29.78 -0.60 -8.01
N TRP A 53 -30.64 -0.51 -6.99
CA TRP A 53 -32.05 -0.17 -7.23
C TRP A 53 -32.22 1.25 -7.77
N SER A 54 -31.34 2.13 -7.38
CA SER A 54 -31.39 3.54 -7.79
C SER A 54 -30.85 3.77 -9.22
N GLY A 55 -30.50 2.65 -9.89
CA GLY A 55 -29.95 2.66 -11.24
C GLY A 55 -28.53 3.16 -11.40
N LYS A 56 -27.77 3.24 -10.30
CA LYS A 56 -26.41 3.75 -10.42
C LYS A 56 -25.37 2.65 -10.67
N ASP A 57 -25.79 1.39 -10.66
CA ASP A 57 -24.86 0.25 -10.69
C ASP A 57 -24.66 -0.11 -12.14
N PRO A 58 -23.41 0.01 -12.64
CA PRO A 58 -23.20 -0.32 -14.05
C PRO A 58 -23.38 -1.81 -14.34
N GLU A 59 -23.37 -2.67 -13.33
CA GLU A 59 -23.67 -4.08 -13.54
C GLU A 59 -25.12 -4.42 -13.27
N GLY A 60 -25.92 -3.42 -12.89
CA GLY A 60 -27.35 -3.61 -12.60
C GLY A 60 -28.11 -4.05 -13.83
N LEU A 61 -29.04 -4.98 -13.62
CA LEU A 61 -29.75 -5.59 -14.73
C LEU A 61 -31.20 -5.73 -14.31
N PHE A 62 -32.12 -5.26 -15.15
CA PHE A 62 -33.55 -5.29 -14.83
C PHE A 62 -34.34 -6.09 -15.86
N PRO A 63 -35.44 -6.74 -15.41
CA PRO A 63 -35.92 -6.75 -14.03
C PRO A 63 -35.07 -7.70 -13.15
N CYS A 64 -34.96 -7.41 -11.84
CA CYS A 64 -34.19 -8.29 -10.94
C CYS A 64 -34.76 -8.42 -9.50
N ILE A 65 -34.37 -9.50 -8.83
CA ILE A 65 -34.62 -9.69 -7.40
C ILE A 65 -33.37 -9.36 -6.63
N LEU A 66 -33.40 -8.26 -5.91
CA LEU A 66 -32.25 -7.78 -5.17
C LEU A 66 -32.11 -8.57 -3.86
N GLY A 67 -31.21 -8.15 -3.00
CA GLY A 67 -31.00 -8.82 -1.72
C GLY A 67 -29.80 -9.75 -1.72
N HIS A 68 -28.97 -9.56 -0.70
CA HIS A 68 -27.80 -10.39 -0.55
C HIS A 68 -27.44 -10.69 0.88
N GLU A 69 -28.23 -10.25 1.84
CA GLU A 69 -27.94 -10.52 3.27
C GLU A 69 -29.13 -11.30 3.76
N ALA A 70 -28.97 -12.61 3.88
CA ALA A 70 -30.08 -13.45 4.30
C ALA A 70 -29.67 -14.66 5.12
N ALA A 71 -30.68 -15.33 5.69
CA ALA A 71 -30.51 -16.63 6.26
C ALA A 71 -31.80 -17.41 6.06
N GLY A 72 -31.65 -18.71 5.90
CA GLY A 72 -32.76 -19.57 5.60
C GLY A 72 -32.46 -21.04 5.80
N ILE A 73 -33.29 -21.87 5.18
CA ILE A 73 -33.24 -23.28 5.30
C ILE A 73 -33.29 -23.87 3.92
N VAL A 74 -32.36 -24.76 3.65
CA VAL A 74 -32.29 -25.44 2.37
C VAL A 74 -33.55 -26.29 2.13
N GLU A 75 -34.19 -26.05 0.98
CA GLU A 75 -35.41 -26.76 0.56
C GLU A 75 -35.01 -28.00 -0.23
N SER A 76 -34.06 -27.80 -1.15
CA SER A 76 -33.50 -28.88 -1.98
C SER A 76 -32.16 -28.49 -2.63
N VAL A 77 -31.47 -29.50 -3.11
CA VAL A 77 -30.19 -29.32 -3.78
C VAL A 77 -30.21 -30.04 -5.09
N GLY A 78 -29.40 -29.58 -6.01
CA GLY A 78 -29.27 -30.20 -7.31
C GLY A 78 -28.24 -31.31 -7.34
N GLU A 79 -28.18 -31.93 -8.51
CA GLU A 79 -27.24 -33.02 -8.80
C GLU A 79 -25.91 -32.67 -8.23
N GLY A 80 -25.27 -33.65 -7.60
CA GLY A 80 -23.88 -33.50 -7.26
C GLY A 80 -23.59 -32.68 -6.00
N VAL A 81 -24.58 -32.02 -5.39
CA VAL A 81 -24.32 -31.14 -4.24
C VAL A 81 -24.16 -32.01 -2.99
N THR A 82 -23.08 -31.87 -2.25
CA THR A 82 -22.86 -32.73 -1.06
C THR A 82 -22.65 -32.00 0.25
N GLU A 83 -22.31 -30.71 0.25
CA GLU A 83 -21.94 -30.06 1.53
C GLU A 83 -23.16 -29.58 2.31
N VAL A 84 -24.25 -29.30 1.63
CA VAL A 84 -25.50 -29.05 2.30
C VAL A 84 -26.53 -29.98 1.75
N GLN A 85 -27.61 -30.14 2.54
CA GLN A 85 -28.78 -30.91 2.15
C GLN A 85 -30.03 -30.22 2.63
N ALA A 86 -31.18 -30.72 2.17
CA ALA A 86 -32.47 -30.30 2.64
C ALA A 86 -32.51 -30.20 4.16
N GLY A 87 -32.95 -29.06 4.66
CA GLY A 87 -33.05 -28.89 6.09
C GLY A 87 -31.89 -28.19 6.73
N ASP A 88 -30.73 -28.13 6.07
CA ASP A 88 -29.62 -27.40 6.66
C ASP A 88 -29.97 -25.92 6.77
N HIS A 89 -29.52 -25.28 7.84
CA HIS A 89 -29.60 -23.84 7.97
C HIS A 89 -28.40 -23.21 7.31
N VAL A 90 -28.66 -22.20 6.48
CA VAL A 90 -27.63 -21.64 5.63
C VAL A 90 -27.63 -20.10 5.55
N ILE A 91 -26.45 -19.55 5.19
CA ILE A 91 -26.35 -18.13 4.80
C ILE A 91 -25.77 -18.14 3.41
N PRO A 92 -26.55 -17.68 2.42
CA PRO A 92 -26.03 -17.53 1.07
C PRO A 92 -25.10 -16.33 1.05
N CYS A 93 -23.98 -16.45 0.32
CA CYS A 93 -22.97 -15.41 0.33
C CYS A 93 -22.72 -14.91 -1.08
N TYR A 94 -22.57 -13.60 -1.25
CA TYR A 94 -22.28 -13.01 -2.59
C TYR A 94 -20.87 -13.39 -3.05
N GLN A 95 -20.03 -13.71 -2.07
CA GLN A 95 -18.63 -14.13 -2.25
C GLN A 95 -18.53 -15.66 -2.11
N ALA A 96 -18.22 -16.33 -3.22
CA ALA A 96 -18.12 -17.79 -3.33
C ALA A 96 -16.85 -18.28 -2.65
N GLU A 97 -16.79 -19.59 -2.43
CA GLU A 97 -15.56 -20.20 -2.00
C GLU A 97 -15.58 -21.62 -2.59
N CYS A 98 -14.98 -21.76 -3.77
CA CYS A 98 -15.03 -23.02 -4.51
C CYS A 98 -13.97 -23.99 -4.04
N ARG A 99 -12.85 -23.48 -3.51
CA ARG A 99 -11.80 -24.34 -2.93
C ARG A 99 -10.97 -25.07 -3.98
N GLU A 100 -11.26 -24.81 -5.25
CA GLU A 100 -10.60 -25.51 -6.34
C GLU A 100 -9.91 -24.57 -7.33
N CYS A 101 -10.13 -23.26 -7.27
CA CYS A 101 -9.52 -22.36 -8.27
C CYS A 101 -8.14 -21.89 -7.76
N LYS A 102 -7.37 -21.20 -8.61
CA LYS A 102 -6.02 -20.78 -8.21
CA LYS A 102 -6.02 -20.77 -8.22
C LYS A 102 -6.06 -19.72 -7.11
N PHE A 103 -7.18 -19.00 -7.02
CA PHE A 103 -7.40 -18.05 -5.92
C PHE A 103 -7.66 -18.74 -4.57
N CYS A 104 -8.58 -19.71 -4.56
CA CYS A 104 -8.84 -20.52 -3.37
C CYS A 104 -7.62 -21.33 -2.99
N LYS A 105 -6.93 -21.87 -3.98
CA LYS A 105 -5.76 -22.75 -3.69
C LYS A 105 -4.53 -21.95 -3.23
N SER A 106 -4.51 -20.65 -3.55
CA SER A 106 -3.36 -19.79 -3.29
C SER A 106 -3.00 -19.77 -1.82
N GLY A 107 -4.01 -19.80 -0.95
CA GLY A 107 -3.77 -19.50 0.47
C GLY A 107 -3.46 -18.03 0.77
N LYS A 108 -3.62 -17.15 -0.22
CA LYS A 108 -3.20 -15.72 -0.07
C LYS A 108 -4.33 -14.75 -0.34
N THR A 109 -5.55 -15.26 -0.45
CA THR A 109 -6.71 -14.42 -0.73
C THR A 109 -8.01 -15.17 -0.53
N ASN A 110 -9.07 -14.42 -0.21
CA ASN A 110 -10.40 -14.96 -0.12
C ASN A 110 -11.24 -14.78 -1.38
N LEU A 111 -10.66 -14.16 -2.43
CA LEU A 111 -11.39 -13.94 -3.67
C LEU A 111 -11.45 -15.29 -4.41
N CYS A 112 -12.52 -15.58 -5.11
CA CYS A 112 -12.73 -16.88 -5.78
C CYS A 112 -13.45 -16.48 -7.02
N GLY A 113 -12.95 -16.86 -8.18
CA GLY A 113 -13.59 -16.47 -9.45
C GLY A 113 -14.68 -17.39 -9.99
N LYS A 114 -14.95 -18.48 -9.28
CA LYS A 114 -15.55 -19.66 -9.91
C LYS A 114 -16.87 -19.33 -10.62
N VAL A 115 -17.74 -18.58 -9.98
CA VAL A 115 -19.08 -18.38 -10.54
C VAL A 115 -19.36 -16.94 -10.95
N ARG A 116 -18.42 -16.04 -10.70
CA ARG A 116 -18.65 -14.63 -10.95
C ARG A 116 -18.97 -14.28 -12.41
N SER A 117 -18.62 -15.13 -13.37
CA SER A 117 -19.00 -14.91 -14.78
C SER A 117 -20.50 -15.06 -14.98
N ALA A 118 -21.15 -15.88 -14.15
CA ALA A 118 -22.59 -16.01 -14.22
C ALA A 118 -23.28 -15.04 -13.24
N THR A 119 -22.84 -14.99 -11.98
CA THR A 119 -23.52 -14.13 -11.00
C THR A 119 -23.36 -12.62 -11.31
N GLY A 120 -22.29 -12.24 -11.97
CA GLY A 120 -22.09 -10.86 -12.37
C GLY A 120 -23.12 -10.36 -13.38
N VAL A 121 -23.73 -11.27 -14.15
CA VAL A 121 -24.77 -10.93 -15.13
C VAL A 121 -26.16 -11.55 -14.84
N GLY A 122 -26.45 -11.77 -13.56
CA GLY A 122 -27.77 -12.21 -13.10
C GLY A 122 -28.25 -13.58 -13.53
N ILE A 123 -27.35 -14.53 -13.77
CA ILE A 123 -27.75 -15.88 -14.17
C ILE A 123 -26.92 -16.97 -13.46
N MET A 124 -27.23 -18.23 -13.73
CA MET A 124 -26.55 -19.35 -13.11
C MET A 124 -25.57 -19.92 -14.07
N MET A 125 -24.52 -20.52 -13.52
CA MET A 125 -23.45 -21.08 -14.32
C MET A 125 -23.97 -22.26 -15.13
N ASN A 126 -24.78 -23.11 -14.52
CA ASN A 126 -25.05 -24.39 -15.14
C ASN A 126 -25.61 -24.26 -16.56
N ASP A 127 -26.54 -23.32 -16.78
CA ASP A 127 -27.22 -23.18 -18.07
C ASP A 127 -27.27 -21.74 -18.57
N ARG A 128 -26.61 -20.84 -17.86
CA ARG A 128 -26.51 -19.44 -18.25
C ARG A 128 -27.87 -18.84 -18.45
N LYS A 129 -28.79 -19.22 -17.57
CA LYS A 129 -30.14 -18.69 -17.52
C LYS A 129 -30.48 -18.44 -16.07
N SER A 130 -31.54 -17.67 -15.86
CA SER A 130 -32.07 -17.42 -14.54
C SER A 130 -33.04 -18.53 -14.04
N ARG A 131 -33.23 -18.61 -12.72
CA ARG A 131 -34.23 -19.51 -12.12
C ARG A 131 -35.51 -18.80 -11.73
N PHE A 132 -35.56 -17.49 -11.93
CA PHE A 132 -36.74 -16.71 -11.59
C PHE A 132 -37.52 -16.33 -12.85
N SER A 133 -38.85 -16.33 -12.75
CA SER A 133 -39.70 -15.76 -13.78
C SER A 133 -41.07 -15.24 -13.25
N VAL A 134 -41.64 -14.23 -13.92
CA VAL A 134 -43.08 -13.95 -13.82
C VAL A 134 -43.71 -14.09 -15.21
N ASN A 135 -44.86 -14.76 -15.24
CA ASN A 135 -45.70 -14.90 -16.46
C ASN A 135 -44.85 -15.41 -17.60
N GLY A 136 -43.96 -16.36 -17.31
CA GLY A 136 -43.09 -16.94 -18.33
C GLY A 136 -41.86 -16.16 -18.77
N LYS A 137 -41.63 -14.97 -18.22
CA LYS A 137 -40.43 -14.18 -18.61
C LYS A 137 -39.40 -13.98 -17.47
N PRO A 138 -38.11 -14.13 -17.80
CA PRO A 138 -37.05 -14.25 -16.81
C PRO A 138 -36.75 -12.96 -16.04
N ILE A 139 -36.39 -13.15 -14.75
CA ILE A 139 -36.00 -12.12 -13.80
C ILE A 139 -34.58 -12.42 -13.37
N TYR A 140 -33.74 -11.41 -13.42
CA TYR A 140 -32.35 -11.65 -13.20
C TYR A 140 -32.09 -11.88 -11.71
N HIS A 141 -31.07 -12.69 -11.43
CA HIS A 141 -30.51 -12.83 -10.08
C HIS A 141 -29.70 -11.62 -9.78
N PHE A 142 -29.34 -11.41 -8.52
CA PHE A 142 -28.52 -10.28 -8.16
C PHE A 142 -27.47 -10.78 -7.18
N MET A 143 -26.20 -10.53 -7.51
CA MET A 143 -25.04 -10.85 -6.64
C MET A 143 -24.93 -12.35 -6.26
N GLY A 144 -25.47 -13.23 -7.11
CA GLY A 144 -25.51 -14.69 -6.84
C GLY A 144 -26.42 -15.12 -5.70
N THR A 145 -27.20 -14.18 -5.16
CA THR A 145 -27.99 -14.39 -3.94
C THR A 145 -29.49 -14.18 -4.13
N SER A 146 -29.90 -12.99 -4.56
CA SER A 146 -31.34 -12.66 -4.74
C SER A 146 -32.21 -13.06 -3.52
N THR A 147 -31.96 -12.41 -2.39
CA THR A 147 -32.57 -12.83 -1.16
C THR A 147 -33.87 -12.10 -0.82
N PHE A 148 -34.38 -11.22 -1.71
CA PHE A 148 -35.65 -10.53 -1.45
C PHE A 148 -36.79 -11.38 -1.98
N SER A 149 -36.91 -12.55 -1.39
CA SER A 149 -37.77 -13.61 -1.89
C SER A 149 -37.91 -14.67 -0.83
N GLN A 150 -39.02 -15.40 -0.88
CA GLN A 150 -39.23 -16.50 0.05
C GLN A 150 -38.37 -17.69 -0.31
N TYR A 151 -37.95 -17.73 -1.56
CA TYR A 151 -37.05 -18.77 -2.06
C TYR A 151 -36.09 -18.21 -3.09
N THR A 152 -34.87 -18.67 -3.03
CA THR A 152 -33.89 -18.34 -4.05
C THR A 152 -33.10 -19.58 -4.39
N VAL A 153 -32.38 -19.52 -5.50
CA VAL A 153 -31.49 -20.57 -5.94
C VAL A 153 -30.10 -19.95 -6.13
N VAL A 154 -29.11 -20.58 -5.53
CA VAL A 154 -27.75 -20.06 -5.46
C VAL A 154 -26.79 -21.21 -5.76
N HIS A 155 -25.55 -20.85 -6.10
CA HIS A 155 -24.54 -21.86 -6.36
C HIS A 155 -24.10 -22.45 -5.06
N ASP A 156 -23.86 -23.75 -5.05
CA ASP A 156 -23.43 -24.43 -3.82
C ASP A 156 -22.13 -23.89 -3.24
N VAL A 157 -21.25 -23.42 -4.10
CA VAL A 157 -19.98 -22.80 -3.67
C VAL A 157 -20.23 -21.46 -2.93
N SER A 158 -21.47 -20.96 -2.96
CA SER A 158 -21.86 -19.72 -2.21
C SER A 158 -22.63 -19.94 -0.90
N VAL A 159 -22.83 -21.19 -0.50
CA VAL A 159 -23.73 -21.46 0.64
C VAL A 159 -22.91 -21.87 1.83
N ALA A 160 -23.05 -21.13 2.92
CA ALA A 160 -22.41 -21.43 4.16
C ALA A 160 -23.40 -22.19 4.98
N LYS A 161 -22.99 -23.36 5.45
CA LYS A 161 -23.78 -24.18 6.36
C LYS A 161 -23.50 -23.78 7.77
N ILE A 162 -24.54 -23.42 8.50
CA ILE A 162 -24.36 -22.84 9.82
C ILE A 162 -25.02 -23.68 10.94
N ASP A 163 -24.66 -23.35 12.18
CA ASP A 163 -25.23 -23.94 13.39
C ASP A 163 -26.76 -23.91 13.27
N PRO A 164 -27.44 -25.09 13.38
CA PRO A 164 -28.92 -25.10 13.21
C PRO A 164 -29.72 -24.43 14.32
N THR A 165 -29.09 -24.15 15.46
CA THR A 165 -29.79 -23.41 16.52
C THR A 165 -29.64 -21.89 16.46
N ALA A 166 -28.91 -21.37 15.48
CA ALA A 166 -28.72 -19.91 15.45
C ALA A 166 -30.04 -19.18 15.09
N PRO A 167 -30.29 -18.02 15.71
CA PRO A 167 -31.47 -17.25 15.25
C PRO A 167 -31.30 -16.67 13.82
N LEU A 168 -32.16 -17.09 12.90
CA LEU A 168 -32.08 -16.70 11.51
C LEU A 168 -32.41 -15.23 11.24
N ASP A 169 -33.04 -14.54 12.19
CA ASP A 169 -33.36 -13.13 12.07
C ASP A 169 -32.27 -12.23 12.55
N LYS A 170 -31.22 -12.84 13.06
CA LYS A 170 -30.06 -12.10 13.46
C LYS A 170 -28.91 -12.44 12.52
N VAL A 171 -28.66 -13.74 12.28
CA VAL A 171 -27.42 -14.11 11.58
C VAL A 171 -27.48 -13.82 10.09
N CYS A 172 -28.62 -13.36 9.59
CA CYS A 172 -28.65 -12.83 8.22
C CYS A 172 -27.64 -11.68 7.96
N LEU A 173 -27.19 -11.01 9.02
CA LEU A 173 -26.24 -9.89 8.90
C LEU A 173 -24.81 -10.37 8.72
N LEU A 174 -24.55 -11.65 8.98
CA LEU A 174 -23.22 -12.23 8.81
C LEU A 174 -22.88 -12.59 7.33
N GLY A 175 -23.73 -12.19 6.39
CA GLY A 175 -23.44 -12.32 4.99
C GLY A 175 -22.85 -11.08 4.28
N CYS A 176 -22.67 -9.94 4.96
CA CYS A 176 -22.23 -8.67 4.32
C CYS A 176 -21.42 -7.76 5.24
N GLY A 177 -22.04 -6.80 5.94
CA GLY A 177 -21.32 -5.73 6.58
C GLY A 177 -20.51 -6.09 7.81
N VAL A 178 -21.05 -6.94 8.67
CA VAL A 178 -20.39 -7.25 9.92
C VAL A 178 -19.07 -8.02 9.72
N PRO A 179 -19.04 -9.10 8.88
CA PRO A 179 -17.79 -9.80 8.63
C PRO A 179 -16.75 -8.88 7.94
N THR A 180 -17.23 -7.97 7.09
CA THR A 180 -16.36 -7.10 6.31
C THR A 180 -15.64 -6.23 7.28
N GLY A 181 -16.39 -5.68 8.21
CA GLY A 181 -15.80 -4.82 9.22
C GLY A 181 -14.88 -5.53 10.20
N LEU A 182 -15.35 -6.64 10.74
CA LEU A 182 -14.52 -7.39 11.71
C LEU A 182 -13.26 -7.88 11.03
N GLY A 183 -13.38 -8.47 9.85
CA GLY A 183 -12.22 -9.02 9.19
C GLY A 183 -11.27 -7.96 8.63
N ALA A 184 -11.77 -6.77 8.29
CA ALA A 184 -10.87 -5.66 7.93
C ALA A 184 -9.86 -5.48 9.05
N VAL A 185 -10.33 -5.64 10.30
CA VAL A 185 -9.38 -5.53 11.44
C VAL A 185 -8.56 -6.80 11.62
N TRP A 186 -9.24 -7.93 11.61
CA TRP A 186 -8.58 -9.17 12.02
C TRP A 186 -7.74 -9.82 10.99
N ASN A 187 -8.19 -9.77 9.77
CA ASN A 187 -7.54 -10.42 8.64
C ASN A 187 -6.71 -9.48 7.75
N THR A 188 -7.27 -8.37 7.34
CA THR A 188 -6.57 -7.50 6.38
C THR A 188 -5.48 -6.71 7.08
N ALA A 189 -5.87 -5.97 8.11
CA ALA A 189 -4.91 -5.14 8.86
C ALA A 189 -4.10 -5.93 9.90
N LYS A 190 -4.77 -6.86 10.59
CA LYS A 190 -4.21 -7.64 11.71
C LYS A 190 -3.80 -6.71 12.82
N VAL A 191 -4.75 -5.92 13.30
CA VAL A 191 -4.51 -4.92 14.34
C VAL A 191 -4.06 -5.58 15.65
N GLU A 192 -2.97 -5.08 16.19
CA GLU A 192 -2.37 -5.58 17.41
C GLU A 192 -2.90 -4.85 18.58
N PRO A 193 -2.93 -5.53 19.75
CA PRO A 193 -3.27 -4.89 21.02
C PRO A 193 -2.50 -3.61 21.25
N GLY A 194 -3.21 -2.57 21.64
CA GLY A 194 -2.61 -1.28 21.90
C GLY A 194 -2.53 -0.36 20.73
N SER A 195 -2.94 -0.84 19.55
CA SER A 195 -2.95 0.01 18.38
C SER A 195 -3.96 1.16 18.50
N ASN A 196 -3.62 2.30 17.91
CA ASN A 196 -4.57 3.38 17.71
C ASN A 196 -5.12 3.31 16.30
N VAL A 197 -6.42 3.49 16.19
CA VAL A 197 -7.16 3.25 14.98
C VAL A 197 -8.07 4.46 14.66
N ALA A 198 -8.20 4.79 13.40
CA ALA A 198 -9.24 5.74 12.93
C ALA A 198 -10.19 5.08 12.02
N ILE A 199 -11.48 5.34 12.21
CA ILE A 199 -12.52 4.77 11.43
C ILE A 199 -13.33 5.88 10.79
N PHE A 200 -13.36 5.89 9.46
CA PHE A 200 -14.07 6.96 8.73
C PHE A 200 -15.36 6.38 8.24
N GLY A 201 -16.45 6.83 8.84
CA GLY A 201 -17.78 6.38 8.43
C GLY A 201 -18.28 5.42 9.47
N LEU A 202 -19.37 5.77 10.14
CA LEU A 202 -19.89 4.96 11.27
C LEU A 202 -21.27 4.37 11.01
N GLY A 203 -21.39 3.76 9.86
CA GLY A 203 -22.47 2.90 9.56
C GLY A 203 -22.15 1.52 10.06
N THR A 204 -22.81 0.56 9.48
CA THR A 204 -22.73 -0.78 9.95
C THR A 204 -21.31 -1.28 9.78
N VAL A 205 -20.71 -1.03 8.60
CA VAL A 205 -19.34 -1.46 8.34
C VAL A 205 -18.41 -0.83 9.37
N GLY A 206 -18.48 0.49 9.53
CA GLY A 206 -17.63 1.20 10.44
C GLY A 206 -17.80 0.76 11.88
N LEU A 207 -19.02 0.48 12.27
CA LEU A 207 -19.26 0.06 13.60
C LEU A 207 -18.69 -1.35 13.81
N ALA A 208 -18.68 -2.19 12.78
CA ALA A 208 -18.12 -3.59 12.85
C ALA A 208 -16.58 -3.53 12.94
N VAL A 209 -16.00 -2.54 12.22
CA VAL A 209 -14.58 -2.26 12.36
C VAL A 209 -14.27 -1.89 13.79
N ALA A 210 -15.09 -1.02 14.39
CA ALA A 210 -14.89 -0.57 15.78
C ALA A 210 -14.98 -1.76 16.75
N GLU A 211 -15.97 -2.62 16.55
CA GLU A 211 -16.07 -3.87 17.34
C GLU A 211 -14.86 -4.75 17.13
N GLY A 212 -14.48 -4.93 15.87
CA GLY A 212 -13.25 -5.67 15.58
C GLY A 212 -12.03 -5.11 16.29
N ALA A 213 -11.83 -3.80 16.21
CA ALA A 213 -10.70 -3.13 16.87
C ALA A 213 -10.78 -3.30 18.38
N LYS A 214 -11.95 -3.06 18.93
CA LYS A 214 -12.12 -3.24 20.33
C LYS A 214 -11.70 -4.67 20.73
N THR A 215 -12.17 -5.68 19.99
CA THR A 215 -11.94 -7.09 20.36
C THR A 215 -10.45 -7.41 20.22
N ALA A 216 -9.80 -6.78 19.25
CA ALA A 216 -8.38 -7.04 18.98
C ALA A 216 -7.49 -6.38 20.01
N GLY A 217 -8.04 -5.52 20.86
CA GLY A 217 -7.31 -4.86 21.88
C GLY A 217 -6.82 -3.43 21.52
N ALA A 218 -7.38 -2.79 20.51
CA ALA A 218 -6.96 -1.42 20.18
C ALA A 218 -7.14 -0.43 21.35
N SER A 219 -6.32 0.61 21.39
CA SER A 219 -6.43 1.65 22.44
C SER A 219 -7.39 2.74 22.02
N ARG A 220 -6.88 3.74 21.30
CA ARG A 220 -7.76 4.82 20.85
C ARG A 220 -8.49 4.33 19.60
N ILE A 221 -9.80 4.40 19.66
CA ILE A 221 -10.60 4.07 18.52
C ILE A 221 -11.36 5.35 18.15
N ILE A 222 -10.85 6.07 17.17
CA ILE A 222 -11.36 7.35 16.80
C ILE A 222 -12.31 7.24 15.63
N GLY A 223 -13.59 7.55 15.86
CA GLY A 223 -14.59 7.58 14.79
C GLY A 223 -14.70 8.97 14.14
N ILE A 224 -14.91 8.96 12.82
CA ILE A 224 -15.03 10.18 12.04
C ILE A 224 -16.29 10.05 11.19
N ASP A 225 -17.24 10.96 11.41
CA ASP A 225 -18.48 10.94 10.63
C ASP A 225 -19.00 12.38 10.46
N ILE A 226 -19.64 12.63 9.32
CA ILE A 226 -20.24 13.95 9.10
C ILE A 226 -21.56 14.09 9.87
N ASP A 227 -22.12 13.00 10.40
CA ASP A 227 -23.31 13.05 11.29
C ASP A 227 -23.01 12.84 12.78
N SER A 228 -22.99 13.89 13.59
CA SER A 228 -22.57 13.75 15.00
C SER A 228 -23.46 12.85 15.87
N LYS A 229 -24.64 12.52 15.36
CA LYS A 229 -25.54 11.67 16.11
C LYS A 229 -25.00 10.24 16.11
N LYS A 230 -24.14 9.90 15.13
CA LYS A 230 -23.57 8.57 15.09
C LYS A 230 -22.64 8.28 16.29
N TYR A 231 -22.14 9.30 16.99
CA TYR A 231 -21.17 9.03 18.05
C TYR A 231 -21.76 8.33 19.23
N GLU A 232 -22.90 8.82 19.72
CA GLU A 232 -23.55 8.16 20.84
C GLU A 232 -23.80 6.67 20.55
N THR A 233 -24.41 6.38 19.42
CA THR A 233 -24.61 5.00 18.94
C THR A 233 -23.33 4.17 18.83
N ALA A 234 -22.24 4.82 18.38
CA ALA A 234 -20.99 4.15 18.08
C ALA A 234 -20.25 3.75 19.32
N LYS A 235 -20.49 4.43 20.42
CA LYS A 235 -19.80 4.11 21.68
C LYS A 235 -19.98 2.65 22.13
N LYS A 236 -21.14 2.05 21.89
CA LYS A 236 -21.33 0.70 22.40
C LYS A 236 -20.52 -0.29 21.56
N PHE A 237 -20.16 0.12 20.34
CA PHE A 237 -19.43 -0.75 19.42
C PHE A 237 -17.93 -0.61 19.60
N GLY A 238 -17.53 0.38 20.37
CA GLY A 238 -16.16 0.56 20.83
C GLY A 238 -15.54 1.89 20.47
N VAL A 239 -16.23 2.74 19.71
CA VAL A 239 -15.64 4.03 19.35
C VAL A 239 -15.52 4.84 20.63
N ASN A 240 -14.35 5.41 20.89
CA ASN A 240 -14.11 6.09 22.18
C ASN A 240 -13.62 7.53 22.01
N GLU A 241 -13.52 8.02 20.78
CA GLU A 241 -13.27 9.44 20.48
C GLU A 241 -13.89 9.68 19.16
N PHE A 242 -14.28 10.94 18.94
CA PHE A 242 -15.06 11.29 17.77
C PHE A 242 -14.67 12.64 17.23
N VAL A 243 -14.64 12.73 15.90
CA VAL A 243 -14.37 13.98 15.21
C VAL A 243 -15.38 14.06 14.09
N ASN A 244 -16.08 15.21 13.99
CA ASN A 244 -16.87 15.51 12.80
C ASN A 244 -16.04 16.45 11.94
N PRO A 245 -15.72 16.09 10.70
CA PRO A 245 -14.89 16.97 9.87
C PRO A 245 -15.44 18.40 9.76
N LYS A 246 -16.76 18.55 9.82
CA LYS A 246 -17.41 19.86 9.71
C LYS A 246 -17.05 20.80 10.83
N ASP A 247 -16.64 20.27 11.97
CA ASP A 247 -16.27 21.15 13.07
C ASP A 247 -14.86 21.72 12.92
N HIS A 248 -14.23 21.49 11.76
CA HIS A 248 -12.83 21.89 11.58
C HIS A 248 -12.62 22.44 10.22
N ASP A 249 -11.86 23.54 10.13
CA ASP A 249 -11.51 24.12 8.86
C ASP A 249 -10.40 23.32 8.18
N LYS A 250 -9.40 22.89 8.96
CA LYS A 250 -8.26 22.06 8.47
C LYS A 250 -8.77 20.75 7.85
N PRO A 251 -8.01 20.16 6.88
CA PRO A 251 -8.40 18.82 6.39
C PRO A 251 -8.46 17.80 7.54
N ILE A 252 -9.42 16.88 7.50
CA ILE A 252 -9.58 15.90 8.60
C ILE A 252 -8.29 15.11 8.90
N GLN A 253 -7.47 14.85 7.88
CA GLN A 253 -6.22 14.12 8.17
C GLN A 253 -5.33 14.89 9.08
N GLU A 254 -5.27 16.21 8.90
CA GLU A 254 -4.40 17.01 9.77
C GLU A 254 -4.98 17.04 11.16
N VAL A 255 -6.30 17.08 11.25
CA VAL A 255 -6.93 17.04 12.56
C VAL A 255 -6.53 15.76 13.33
N ILE A 256 -6.62 14.61 12.68
CA ILE A 256 -6.30 13.32 13.32
C ILE A 256 -4.80 13.24 13.68
N VAL A 257 -3.98 13.66 12.75
CA VAL A 257 -2.54 13.71 13.02
C VAL A 257 -2.29 14.55 14.27
N ASP A 258 -2.93 15.73 14.38
CA ASP A 258 -2.74 16.60 15.54
C ASP A 258 -3.19 15.88 16.82
N LEU A 259 -4.34 15.19 16.74
CA LEU A 259 -4.94 14.54 17.90
CA LEU A 259 -4.93 14.53 17.92
C LEU A 259 -4.08 13.39 18.41
N THR A 260 -3.30 12.79 17.53
CA THR A 260 -2.56 11.61 17.86
C THR A 260 -1.06 11.85 17.88
N ASP A 261 -0.68 13.11 17.72
CA ASP A 261 0.74 13.45 17.62
C ASP A 261 1.49 12.56 16.63
N GLY A 262 0.98 12.48 15.41
CA GLY A 262 1.74 11.83 14.33
C GLY A 262 0.92 10.99 13.38
N GLY A 263 -0.23 10.53 13.88
CA GLY A 263 -1.18 9.74 13.12
C GLY A 263 -1.49 8.44 13.82
N VAL A 264 -2.45 7.69 13.29
CA VAL A 264 -2.90 6.42 13.83
C VAL A 264 -2.05 5.26 13.28
N ASP A 265 -2.11 4.12 13.98
CA ASP A 265 -1.43 2.93 13.50
C ASP A 265 -2.18 2.32 12.33
N TYR A 266 -3.51 2.40 12.37
CA TYR A 266 -4.38 1.86 11.30
C TYR A 266 -5.56 2.79 11.06
N SER A 267 -5.94 2.97 9.80
CA SER A 267 -7.17 3.66 9.50
C SER A 267 -8.00 2.81 8.57
N PHE A 268 -9.30 3.04 8.63
CA PHE A 268 -10.23 2.29 7.83
C PHE A 268 -11.23 3.25 7.22
N GLU A 269 -11.45 3.16 5.92
CA GLU A 269 -12.41 4.00 5.26
C GLU A 269 -13.60 3.12 4.92
N CYS A 270 -14.75 3.47 5.49
CA CYS A 270 -15.97 2.67 5.47
C CYS A 270 -17.12 3.54 4.91
N ILE A 271 -16.81 4.29 3.84
CA ILE A 271 -17.76 5.18 3.17
C ILE A 271 -17.84 4.90 1.68
N GLY A 272 -16.70 4.87 0.99
CA GLY A 272 -16.69 4.76 -0.47
C GLY A 272 -16.45 6.10 -1.22
N ASN A 273 -15.77 7.03 -0.55
CA ASN A 273 -15.52 8.41 -1.01
C ASN A 273 -14.01 8.59 -1.14
N VAL A 274 -13.54 8.82 -2.37
CA VAL A 274 -12.11 8.81 -2.68
C VAL A 274 -11.31 9.85 -1.92
N SER A 275 -11.92 10.99 -1.62
CA SER A 275 -11.24 12.05 -0.90
CA SER A 275 -11.25 12.06 -0.89
C SER A 275 -11.04 11.65 0.55
N VAL A 276 -12.04 10.97 1.14
CA VAL A 276 -11.88 10.48 2.53
C VAL A 276 -10.87 9.31 2.55
N MET A 277 -10.82 8.50 1.51
CA MET A 277 -9.86 7.43 1.42
C MET A 277 -8.44 7.98 1.49
N ARG A 278 -8.20 9.07 0.76
CA ARG A 278 -6.92 9.76 0.82
C ARG A 278 -6.69 10.29 2.21
N ALA A 279 -7.71 10.91 2.80
CA ALA A 279 -7.55 11.41 4.16
C ALA A 279 -7.18 10.27 5.14
N ALA A 280 -7.88 9.17 5.02
CA ALA A 280 -7.58 8.01 5.87
C ALA A 280 -6.13 7.58 5.69
N LEU A 281 -5.61 7.55 4.44
CA LEU A 281 -4.17 7.19 4.29
C LEU A 281 -3.28 8.21 4.97
N GLU A 282 -3.53 9.50 4.70
CA GLU A 282 -2.68 10.57 5.18
C GLU A 282 -2.76 10.82 6.70
N CYS A 283 -3.76 10.28 7.38
CA CYS A 283 -3.77 10.40 8.84
C CYS A 283 -3.06 9.22 9.55
N CYS A 284 -2.47 8.30 8.78
CA CYS A 284 -1.68 7.23 9.36
C CYS A 284 -0.30 7.73 9.72
N HIS A 285 0.27 7.07 10.71
CA HIS A 285 1.54 7.45 11.24
C HIS A 285 2.60 7.15 10.23
N LYS A 286 3.55 8.05 10.11
CA LYS A 286 4.80 7.79 9.39
C LYS A 286 5.46 6.47 9.88
N GLY A 287 6.20 5.82 9.00
CA GLY A 287 6.98 4.66 9.38
C GLY A 287 6.23 3.33 9.36
N TRP A 288 5.02 3.32 9.89
CA TRP A 288 4.31 2.08 10.02
C TRP A 288 2.82 2.10 9.85
N GLY A 289 2.25 3.27 9.61
CA GLY A 289 0.82 3.36 9.50
C GLY A 289 0.25 2.61 8.32
N THR A 290 -0.94 2.05 8.48
CA THR A 290 -1.62 1.31 7.41
C THR A 290 -3.02 1.76 7.33
N SER A 291 -3.48 2.02 6.10
CA SER A 291 -4.87 2.35 5.82
C SER A 291 -5.52 1.25 5.03
N VAL A 292 -6.72 0.87 5.45
CA VAL A 292 -7.50 -0.14 4.73
C VAL A 292 -8.74 0.51 4.18
N ILE A 293 -8.91 0.37 2.88
CA ILE A 293 -10.11 0.83 2.18
C ILE A 293 -11.12 -0.33 2.23
N VAL A 294 -12.27 -0.05 2.84
CA VAL A 294 -13.38 -0.96 2.93
C VAL A 294 -14.50 -0.43 2.02
N GLY A 295 -14.71 0.89 2.02
CA GLY A 295 -15.68 1.55 1.11
C GLY A 295 -15.56 1.21 -0.37
N VAL A 296 -16.70 1.12 -1.08
CA VAL A 296 -16.66 0.79 -2.51
C VAL A 296 -17.05 2.07 -3.31
N ALA A 297 -16.02 2.72 -3.87
CA ALA A 297 -16.16 3.95 -4.68
C ALA A 297 -16.88 3.69 -6.00
N ALA A 298 -17.54 4.73 -6.53
CA ALA A 298 -18.17 4.69 -7.86
C ALA A 298 -17.19 4.51 -9.00
N SER A 299 -17.72 4.04 -10.13
CA SER A 299 -16.91 3.79 -11.31
CA SER A 299 -16.94 3.79 -11.34
C SER A 299 -16.16 5.04 -11.75
N GLY A 300 -14.89 4.89 -12.07
CA GLY A 300 -14.13 5.99 -12.60
C GLY A 300 -13.55 6.88 -11.56
N GLN A 301 -14.02 6.77 -10.33
CA GLN A 301 -13.42 7.51 -9.21
C GLN A 301 -12.03 6.94 -8.88
N GLU A 302 -11.11 7.84 -8.58
CA GLU A 302 -9.74 7.48 -8.29
C GLU A 302 -9.29 8.00 -6.97
N ILE A 303 -8.43 7.22 -6.30
CA ILE A 303 -7.78 7.69 -5.06
C ILE A 303 -6.43 8.31 -5.47
N SER A 304 -5.98 9.30 -4.73
CA SER A 304 -4.69 9.95 -4.95
C SER A 304 -3.99 10.21 -3.66
N THR A 305 -2.65 10.22 -3.71
CA THR A 305 -1.88 10.80 -2.66
C THR A 305 -0.54 11.13 -3.29
N ARG A 306 0.37 11.69 -2.51
CA ARG A 306 1.76 11.93 -2.92
C ARG A 306 2.61 10.71 -2.56
N PRO A 307 3.52 10.32 -3.44
CA PRO A 307 4.20 9.08 -3.18
C PRO A 307 5.01 9.10 -1.91
N PHE A 308 5.41 10.28 -1.44
CA PHE A 308 6.21 10.39 -0.23
CA PHE A 308 6.17 10.46 -0.21
C PHE A 308 5.50 9.78 0.98
N GLN A 309 4.18 9.81 0.95
N GLN A 309 4.18 9.79 0.97
CA GLN A 309 3.34 9.15 1.97
CA GLN A 309 3.41 9.15 2.04
C GLN A 309 3.66 7.67 2.14
C GLN A 309 3.65 7.65 2.14
N LEU A 310 3.91 7.00 1.00
CA LEU A 310 4.17 5.57 1.00
C LEU A 310 5.68 5.36 1.17
N VAL A 311 6.49 6.28 0.63
CA VAL A 311 7.92 6.12 0.71
C VAL A 311 8.38 6.28 2.16
N THR A 312 7.65 7.08 2.88
CA THR A 312 7.91 7.28 4.32
C THR A 312 7.16 6.29 5.24
N GLY A 313 6.73 5.16 4.71
CA GLY A 313 6.38 4.01 5.55
C GLY A 313 4.90 3.69 5.69
N ARG A 314 4.03 4.46 5.03
CA ARG A 314 2.57 4.14 5.11
C ARG A 314 2.27 3.08 4.09
N VAL A 315 1.26 2.25 4.39
CA VAL A 315 0.86 1.11 3.51
C VAL A 315 -0.56 1.25 3.17
N TRP A 316 -0.86 1.16 1.87
CA TRP A 316 -2.26 1.29 1.42
C TRP A 316 -2.81 -0.03 0.95
N LYS A 317 -3.96 -0.41 1.48
CA LYS A 317 -4.55 -1.69 1.18
C LYS A 317 -6.06 -1.58 1.30
N GLY A 318 -6.74 -2.66 0.98
CA GLY A 318 -8.18 -2.70 1.01
C GLY A 318 -8.61 -4.11 1.30
N THR A 319 -9.91 -4.28 1.48
CA THR A 319 -10.47 -5.55 1.90
C THR A 319 -11.73 -5.85 1.12
N ALA A 320 -11.99 -7.13 0.94
CA ALA A 320 -13.17 -7.64 0.20
C ALA A 320 -13.74 -8.66 1.17
N PHE A 321 -14.92 -8.37 1.72
CA PHE A 321 -15.60 -9.25 2.69
C PHE A 321 -14.75 -9.57 3.94
N GLY A 322 -13.92 -8.60 4.33
CA GLY A 322 -13.07 -8.72 5.50
C GLY A 322 -12.01 -9.75 5.36
N GLY A 323 -11.74 -10.20 4.13
CA GLY A 323 -10.78 -11.24 3.99
C GLY A 323 -11.25 -12.61 4.48
N PHE A 324 -12.51 -12.75 4.77
CA PHE A 324 -13.08 -14.03 5.18
C PHE A 324 -13.43 -14.93 4.00
N LYS A 325 -13.10 -16.22 4.13
CA LYS A 325 -13.52 -17.23 3.15
C LYS A 325 -14.93 -17.58 3.58
N SER A 326 -15.90 -17.39 2.70
CA SER A 326 -17.33 -17.43 3.07
C SER A 326 -17.79 -18.79 3.60
N ARG A 327 -17.71 -19.81 2.79
CA ARG A 327 -18.18 -21.12 3.24
C ARG A 327 -17.47 -21.68 4.46
N THR A 328 -16.17 -21.48 4.57
CA THR A 328 -15.42 -21.92 5.74
C THR A 328 -15.60 -21.07 6.98
N GLN A 329 -15.66 -19.75 6.84
CA GLN A 329 -15.57 -18.87 8.01
C GLN A 329 -16.85 -18.18 8.44
N VAL A 330 -17.82 -18.00 7.55
CA VAL A 330 -19.13 -17.49 8.02
C VAL A 330 -19.71 -18.38 9.14
N PRO A 331 -19.58 -19.71 9.03
CA PRO A 331 -20.02 -20.62 10.11
C PRO A 331 -19.28 -20.38 11.39
N TRP A 332 -18.00 -20.04 11.25
CA TRP A 332 -17.20 -19.71 12.41
C TRP A 332 -17.64 -18.44 13.09
N LEU A 333 -17.91 -17.39 12.33
CA LEU A 333 -18.52 -16.17 12.91
C LEU A 333 -19.89 -16.45 13.59
N VAL A 334 -20.74 -17.29 12.99
CA VAL A 334 -21.98 -17.67 13.67
C VAL A 334 -21.70 -18.32 15.02
N GLU A 335 -20.76 -19.26 15.07
CA GLU A 335 -20.33 -19.85 16.33
C GLU A 335 -19.90 -18.77 17.32
N LYS A 336 -19.08 -17.80 16.87
CA LYS A 336 -18.65 -16.74 17.79
C LYS A 336 -19.84 -15.90 18.32
N TYR A 337 -20.84 -15.66 17.45
CA TYR A 337 -22.03 -14.92 17.85
C TYR A 337 -22.81 -15.73 18.91
N MET A 338 -22.98 -17.03 18.67
CA MET A 338 -23.70 -17.89 19.62
CA MET A 338 -23.69 -17.89 19.62
C MET A 338 -22.99 -17.93 20.97
N ASN A 339 -21.67 -17.75 20.97
CA ASN A 339 -20.88 -17.73 22.21
C ASN A 339 -20.70 -16.30 22.80
N LYS A 340 -21.45 -15.35 22.25
CA LYS A 340 -21.51 -13.97 22.69
C LYS A 340 -20.15 -13.28 22.55
N GLU A 341 -19.38 -13.67 21.55
CA GLU A 341 -18.07 -13.06 21.33
C GLU A 341 -18.10 -12.00 20.25
N ILE A 342 -19.12 -11.99 19.42
CA ILE A 342 -19.30 -10.88 18.49
C ILE A 342 -20.75 -10.41 18.57
N LYS A 343 -20.94 -9.10 18.41
CA LYS A 343 -22.28 -8.54 18.36
C LYS A 343 -22.86 -8.75 17.02
N VAL A 344 -24.16 -8.99 17.01
CA VAL A 344 -24.93 -8.98 15.80
C VAL A 344 -26.21 -8.21 16.10
N ASP A 345 -26.90 -8.54 17.20
CA ASP A 345 -28.24 -8.02 17.46
C ASP A 345 -28.27 -6.50 17.45
N GLU A 346 -27.22 -5.90 17.99
CA GLU A 346 -27.21 -4.49 18.22
C GLU A 346 -27.19 -3.67 16.94
N TYR A 347 -26.95 -4.30 15.78
CA TYR A 347 -26.90 -3.59 14.50
C TYR A 347 -28.28 -3.51 13.88
N ILE A 348 -29.25 -4.25 14.42
CA ILE A 348 -30.57 -4.37 13.81
C ILE A 348 -31.42 -3.31 14.49
N THR A 349 -31.74 -2.25 13.77
CA THR A 349 -32.52 -1.15 14.35
C THR A 349 -34.01 -1.35 14.14
N HIS A 350 -34.39 -2.00 13.03
CA HIS A 350 -35.80 -2.24 12.74
C HIS A 350 -36.05 -3.57 12.14
N ASN A 351 -37.24 -4.07 12.38
CA ASN A 351 -37.70 -5.31 11.81
C ASN A 351 -39.01 -5.12 11.08
N LEU A 352 -39.04 -5.32 9.78
CA LEU A 352 -40.24 -5.20 8.99
C LEU A 352 -40.50 -6.53 8.30
N THR A 353 -41.37 -6.54 7.31
CA THR A 353 -41.67 -7.72 6.53
C THR A 353 -41.28 -7.46 5.08
N LEU A 354 -41.15 -8.54 4.32
CA LEU A 354 -40.91 -8.41 2.90
C LEU A 354 -42.01 -7.58 2.24
N GLY A 355 -43.26 -7.71 2.73
CA GLY A 355 -44.37 -6.91 2.18
C GLY A 355 -44.13 -5.41 2.31
N GLU A 356 -43.45 -5.00 3.38
CA GLU A 356 -43.20 -3.60 3.60
C GLU A 356 -41.83 -3.16 3.09
N ILE A 357 -41.29 -3.87 2.11
CA ILE A 357 -39.91 -3.61 1.68
C ILE A 357 -39.71 -2.19 1.19
N ASN A 358 -40.69 -1.66 0.45
CA ASN A 358 -40.60 -0.28 0.03
C ASN A 358 -40.43 0.68 1.19
N LYS A 359 -41.20 0.46 2.26
CA LYS A 359 -41.00 1.22 3.53
C LYS A 359 -39.58 1.00 4.16
N ALA A 360 -39.05 -0.21 4.05
CA ALA A 360 -37.67 -0.47 4.52
C ALA A 360 -36.67 0.41 3.80
N PHE A 361 -36.78 0.44 2.47
CA PHE A 361 -35.96 1.29 1.61
C PHE A 361 -36.11 2.76 1.97
N ASP A 362 -37.33 3.22 2.33
CA ASP A 362 -37.45 4.64 2.77
C ASP A 362 -36.65 4.84 4.06
N LEU A 363 -36.71 3.87 4.95
CA LEU A 363 -35.94 3.95 6.21
C LEU A 363 -34.44 4.00 5.91
N LEU A 364 -34.01 3.15 5.00
CA LEU A 364 -32.62 3.10 4.56
C LEU A 364 -32.20 4.46 4.01
N HIS A 365 -33.05 5.02 3.13
CA HIS A 365 -32.75 6.27 2.42
C HIS A 365 -32.57 7.43 3.35
N GLU A 366 -33.33 7.47 4.44
CA GLU A 366 -33.27 8.61 5.37
C GLU A 366 -32.19 8.47 6.46
N GLY A 367 -31.35 7.45 6.37
CA GLY A 367 -30.29 7.21 7.37
C GLY A 367 -30.78 6.74 8.73
N THR A 368 -31.96 6.15 8.77
CA THR A 368 -32.61 5.78 10.04
C THR A 368 -32.22 4.35 10.50
N CYS A 369 -31.81 3.52 9.52
CA CYS A 369 -31.38 2.16 9.81
CA CYS A 369 -31.38 2.13 9.76
C CYS A 369 -29.88 2.07 10.08
N LEU A 370 -29.49 1.07 10.85
CA LEU A 370 -28.14 0.55 10.72
C LEU A 370 -28.44 -0.63 9.81
N ARG A 371 -29.12 -1.64 10.35
CA ARG A 371 -29.62 -2.69 9.51
C ARG A 371 -31.08 -2.91 9.80
N CYS A 372 -31.84 -2.95 8.71
CA CYS A 372 -33.26 -3.26 8.73
CA CYS A 372 -33.24 -3.24 8.77
C CYS A 372 -33.45 -4.70 8.28
N VAL A 373 -34.04 -5.53 9.12
CA VAL A 373 -34.28 -6.96 8.77
C VAL A 373 -35.73 -7.22 8.37
N LEU A 374 -35.90 -8.02 7.31
CA LEU A 374 -37.21 -8.35 6.77
C LEU A 374 -37.61 -9.81 6.93
N ASP A 375 -38.73 -10.02 7.60
CA ASP A 375 -39.39 -11.32 7.65
C ASP A 375 -40.11 -11.62 6.32
N THR A 376 -39.68 -12.66 5.62
CA THR A 376 -40.22 -12.92 4.27
C THR A 376 -41.59 -13.65 4.27
N SER A 377 -42.12 -14.04 5.44
CA SER A 377 -43.40 -14.78 5.48
C SER A 377 -44.59 -13.86 5.17
N LYS A 378 -44.52 -12.61 5.57
CA LYS A 378 -45.61 -11.64 5.35
C LYS A 378 -45.18 -10.60 4.32
N ALA B 1 50.14 16.97 10.35
CA ALA B 1 49.00 16.67 11.27
C ALA B 1 47.99 17.79 11.06
N THR B 2 46.72 17.43 10.99
CA THR B 2 45.67 18.41 10.67
C THR B 2 44.61 18.49 11.76
N GLN B 3 44.74 17.68 12.82
CA GLN B 3 43.73 17.66 13.90
C GLN B 3 43.59 19.02 14.57
N GLY B 4 42.37 19.47 14.77
CA GLY B 4 42.09 20.81 15.33
C GLY B 4 42.34 22.00 14.41
N GLN B 5 42.88 21.76 13.21
CA GLN B 5 43.11 22.77 12.22
C GLN B 5 41.97 22.84 11.18
N VAL B 6 41.78 24.04 10.65
CA VAL B 6 41.05 24.21 9.38
C VAL B 6 41.88 23.57 8.27
N ILE B 7 41.25 22.78 7.42
CA ILE B 7 41.93 22.10 6.31
C ILE B 7 41.51 22.86 5.09
N THR B 8 42.45 23.07 4.16
CA THR B 8 42.17 23.67 2.87
C THR B 8 42.24 22.57 1.83
N CYS B 9 41.21 22.40 0.98
CA CYS B 9 41.21 21.30 0.04
C CYS B 9 40.33 21.58 -1.15
N LYS B 10 40.40 20.73 -2.18
CA LYS B 10 39.54 20.92 -3.34
C LYS B 10 38.14 20.46 -2.98
N ALA B 11 37.16 21.21 -3.46
CA ALA B 11 35.78 20.79 -3.43
C ALA B 11 35.09 21.35 -4.69
N ALA B 12 34.01 20.69 -5.09
CA ALA B 12 33.12 21.19 -6.15
C ALA B 12 32.01 21.97 -5.50
N VAL B 13 31.94 23.27 -5.78
CA VAL B 13 30.96 24.15 -5.17
C VAL B 13 29.86 24.50 -6.17
N ALA B 14 28.60 24.33 -5.75
CA ALA B 14 27.45 24.83 -6.55
C ALA B 14 27.02 26.17 -6.04
N TYR B 15 27.36 27.22 -6.78
CA TYR B 15 27.05 28.59 -6.38
C TYR B 15 25.60 28.98 -6.56
N GLU B 16 24.99 28.42 -7.60
CA GLU B 16 23.59 28.61 -7.83
C GLU B 16 23.13 27.50 -8.74
N PRO B 17 21.82 27.29 -8.81
CA PRO B 17 21.34 26.23 -9.68
C PRO B 17 21.84 26.36 -11.08
N ASN B 18 22.00 25.22 -11.73
CA ASN B 18 22.18 25.09 -13.15
C ASN B 18 23.52 25.54 -13.74
N LYS B 19 24.35 26.21 -12.97
CA LYS B 19 25.68 26.60 -13.46
C LYS B 19 26.73 25.51 -13.25
N PRO B 20 27.79 25.51 -14.07
CA PRO B 20 28.83 24.51 -13.84
C PRO B 20 29.42 24.62 -12.45
N LEU B 21 29.65 23.46 -11.85
CA LEU B 21 30.26 23.42 -10.52
CA LEU B 21 30.26 23.41 -10.54
C LEU B 21 31.64 24.05 -10.64
N VAL B 22 32.04 24.75 -9.60
CA VAL B 22 33.37 25.34 -9.56
C VAL B 22 34.24 24.56 -8.60
N ILE B 23 35.38 24.07 -9.11
CA ILE B 23 36.35 23.38 -8.27
C ILE B 23 37.25 24.44 -7.65
N GLU B 24 37.04 24.62 -6.34
CA GLU B 24 37.73 25.63 -5.56
C GLU B 24 38.53 24.98 -4.48
N ASP B 25 39.53 25.70 -3.99
CA ASP B 25 40.06 25.49 -2.66
C ASP B 25 38.98 26.03 -1.65
N VAL B 26 38.56 25.20 -0.71
CA VAL B 26 37.61 25.57 0.33
C VAL B 26 38.27 25.33 1.70
N GLN B 27 37.83 26.02 2.74
CA GLN B 27 38.32 25.76 4.09
C GLN B 27 37.33 24.81 4.78
N VAL B 28 37.80 23.75 5.43
CA VAL B 28 36.93 22.80 6.11
C VAL B 28 37.25 22.87 7.57
N ALA B 29 36.32 23.39 8.36
CA ALA B 29 36.62 23.65 9.75
C ALA B 29 36.69 22.33 10.50
N PRO B 30 37.29 22.33 11.70
CA PRO B 30 37.41 21.06 12.41
C PRO B 30 36.10 20.64 13.03
N PRO B 31 35.96 19.34 13.32
CA PRO B 31 34.71 18.83 13.85
C PRO B 31 34.44 19.34 15.25
N GLN B 32 33.19 19.64 15.54
CA GLN B 32 32.77 20.05 16.91
C GLN B 32 32.12 18.83 17.53
N ALA B 33 31.46 19.01 18.68
CA ALA B 33 30.83 17.93 19.43
C ALA B 33 29.89 17.10 18.56
N GLY B 34 30.05 15.78 18.64
CA GLY B 34 29.25 14.87 17.87
C GLY B 34 29.51 14.81 16.36
N GLU B 35 30.65 15.33 15.89
CA GLU B 35 30.93 15.41 14.44
C GLU B 35 32.18 14.65 14.08
N VAL B 36 32.27 14.29 12.80
CA VAL B 36 33.40 13.51 12.28
C VAL B 36 33.84 14.18 11.02
N ARG B 37 35.16 14.40 10.86
CA ARG B 37 35.73 14.94 9.67
C ARG B 37 36.34 13.78 8.89
N ILE B 38 35.96 13.68 7.63
CA ILE B 38 36.20 12.50 6.86
C ILE B 38 36.99 12.91 5.65
N LYS B 39 38.12 12.27 5.40
CA LYS B 39 38.81 12.39 4.14
CA LYS B 39 38.82 12.39 4.13
C LYS B 39 38.06 11.50 3.16
N ILE B 40 37.43 12.12 2.16
CA ILE B 40 36.69 11.37 1.16
C ILE B 40 37.65 10.97 0.06
N LEU B 41 37.75 9.69 -0.23
CA LEU B 41 38.63 9.24 -1.28
C LEU B 41 37.92 9.06 -2.61
N TYR B 42 36.65 8.59 -2.56
CA TYR B 42 35.82 8.37 -3.77
C TYR B 42 34.40 8.78 -3.47
N THR B 43 33.72 9.35 -4.45
CA THR B 43 32.35 9.73 -4.31
C THR B 43 31.71 9.48 -5.65
N ALA B 44 30.48 8.99 -5.68
CA ALA B 44 29.77 8.79 -6.91
C ALA B 44 28.72 9.88 -7.03
N LEU B 45 28.19 10.09 -8.21
CA LEU B 45 27.08 11.01 -8.28
C LEU B 45 25.81 10.32 -8.66
N CYS B 46 24.71 10.96 -8.30
CA CYS B 46 23.41 10.38 -8.45
C CYS B 46 22.40 11.43 -8.87
N HIS B 47 21.23 10.97 -9.32
CA HIS B 47 20.21 11.91 -9.76
C HIS B 47 19.76 12.79 -8.62
N THR B 48 19.90 12.36 -7.37
CA THR B 48 19.48 13.21 -6.23
C THR B 48 20.37 14.46 -6.16
N ASP B 49 21.64 14.31 -6.52
CA ASP B 49 22.55 15.46 -6.59
C ASP B 49 22.12 16.42 -7.71
N ALA B 50 21.89 15.86 -8.90
CA ALA B 50 21.40 16.60 -10.06
C ALA B 50 20.10 17.36 -9.79
N TYR B 51 19.19 16.74 -9.05
CA TYR B 51 17.89 17.33 -8.73
C TYR B 51 18.02 18.70 -8.05
N THR B 52 18.88 18.76 -7.04
CA THR B 52 19.18 20.01 -6.37
C THR B 52 20.04 20.91 -7.25
N TRP B 53 21.03 20.35 -7.93
CA TRP B 53 21.89 21.17 -8.74
C TRP B 53 21.12 21.90 -9.84
N SER B 54 20.11 21.23 -10.40
CA SER B 54 19.29 21.75 -11.51
CA SER B 54 19.35 21.79 -11.52
C SER B 54 18.29 22.78 -11.06
N GLY B 55 18.14 22.92 -9.74
CA GLY B 55 17.18 23.83 -9.17
C GLY B 55 15.76 23.28 -8.94
N LYS B 56 15.52 22.02 -9.27
N LYS B 56 15.52 22.02 -9.29
CA LYS B 56 14.19 21.43 -9.15
CA LYS B 56 14.18 21.39 -9.15
C LYS B 56 13.66 21.27 -7.73
C LYS B 56 13.64 21.36 -7.72
N ASP B 57 14.51 21.46 -6.71
CA ASP B 57 14.01 21.68 -5.35
C ASP B 57 14.04 23.18 -5.12
N PRO B 58 12.90 23.86 -5.31
CA PRO B 58 12.99 25.33 -5.22
C PRO B 58 13.24 25.83 -3.77
N GLU B 59 13.38 24.90 -2.83
CA GLU B 59 13.91 25.17 -1.48
C GLU B 59 15.45 24.92 -1.34
N GLY B 60 16.13 24.61 -2.45
CA GLY B 60 17.57 24.34 -2.39
C GLY B 60 18.37 25.54 -1.89
N LEU B 61 19.47 25.27 -1.20
CA LEU B 61 20.29 26.30 -0.64
C LEU B 61 21.59 26.34 -1.37
N PHE B 62 21.95 27.53 -1.82
CA PHE B 62 23.21 27.77 -2.46
C PHE B 62 23.86 28.92 -1.80
N PRO B 63 25.19 28.99 -1.86
CA PRO B 63 26.09 28.01 -2.47
C PRO B 63 26.16 26.74 -1.60
N CYS B 64 26.40 25.58 -2.22
CA CYS B 64 26.55 24.35 -1.43
C CYS B 64 27.56 23.41 -2.06
N ILE B 65 28.03 22.45 -1.24
CA ILE B 65 28.80 21.33 -1.71
C ILE B 65 27.86 20.08 -1.80
N LEU B 66 27.59 19.61 -3.00
CA LEU B 66 26.69 18.54 -3.18
C LEU B 66 27.44 17.22 -2.86
N GLY B 67 26.73 16.14 -3.07
CA GLY B 67 27.24 14.80 -2.97
C GLY B 67 26.83 14.10 -1.73
N HIS B 68 26.46 12.83 -1.90
CA HIS B 68 26.14 11.99 -0.77
C HIS B 68 26.53 10.52 -0.88
N GLU B 69 27.05 10.04 -2.01
CA GLU B 69 27.58 8.66 -2.08
C GLU B 69 29.06 8.71 -2.05
N ALA B 70 29.62 8.16 -0.98
CA ALA B 70 31.07 8.34 -0.80
C ALA B 70 31.61 7.36 0.22
N ALA B 71 32.93 7.16 0.18
CA ALA B 71 33.64 6.37 1.19
C ALA B 71 34.98 7.04 1.43
N GLY B 72 35.42 6.97 2.68
CA GLY B 72 36.65 7.60 3.10
C GLY B 72 37.23 7.09 4.41
N ILE B 73 38.10 7.92 4.97
CA ILE B 73 38.88 7.56 6.14
C ILE B 73 38.72 8.72 7.08
N VAL B 74 38.26 8.44 8.29
CA VAL B 74 38.17 9.50 9.29
C VAL B 74 39.52 10.22 9.55
N GLU B 75 39.50 11.55 9.52
CA GLU B 75 40.67 12.38 9.82
C GLU B 75 40.63 12.76 11.29
N SER B 76 39.45 13.05 11.83
CA SER B 76 39.35 13.42 13.20
C SER B 76 37.95 13.43 13.68
N VAL B 77 37.76 13.38 14.99
CA VAL B 77 36.43 13.45 15.55
C VAL B 77 36.31 14.51 16.60
N GLY B 78 35.11 14.99 16.85
CA GLY B 78 34.90 15.99 17.87
C GLY B 78 34.65 15.35 19.20
N GLU B 79 34.38 16.20 20.19
CA GLU B 79 34.11 15.77 21.56
C GLU B 79 32.92 14.83 21.59
N GLY B 80 33.03 13.82 22.43
CA GLY B 80 31.92 12.94 22.71
C GLY B 80 31.76 11.87 21.65
N VAL B 81 32.52 11.94 20.56
CA VAL B 81 32.39 10.92 19.52
C VAL B 81 33.15 9.63 19.93
N THR B 82 32.42 8.52 20.00
CA THR B 82 32.97 7.24 20.46
C THR B 82 32.98 6.12 19.41
N GLU B 83 32.03 6.10 18.46
CA GLU B 83 31.87 4.91 17.61
C GLU B 83 32.87 4.83 16.46
N VAL B 84 33.47 5.98 16.12
CA VAL B 84 34.52 6.03 15.14
C VAL B 84 35.64 6.89 15.70
N GLN B 85 36.80 6.73 15.08
CA GLN B 85 38.00 7.49 15.41
C GLN B 85 38.89 7.63 14.18
N ALA B 86 39.94 8.43 14.34
CA ALA B 86 40.87 8.72 13.26
C ALA B 86 41.37 7.41 12.66
N GLY B 87 41.45 7.33 11.33
CA GLY B 87 41.89 6.10 10.64
C GLY B 87 40.80 5.06 10.31
N ASP B 88 39.66 5.14 10.98
CA ASP B 88 38.52 4.30 10.58
C ASP B 88 38.10 4.60 9.17
N HIS B 89 37.81 3.52 8.44
CA HIS B 89 37.21 3.57 7.12
C HIS B 89 35.71 3.67 7.28
N VAL B 90 35.10 4.60 6.55
CA VAL B 90 33.69 4.91 6.76
C VAL B 90 32.97 5.24 5.47
N ILE B 91 31.64 5.14 5.55
CA ILE B 91 30.68 5.56 4.55
C ILE B 91 29.74 6.51 5.29
N PRO B 92 29.73 7.80 4.90
CA PRO B 92 28.78 8.78 5.39
C PRO B 92 27.43 8.52 4.72
N CYS B 93 26.37 8.53 5.47
CA CYS B 93 25.07 8.20 4.92
C CYS B 93 24.16 9.39 5.10
N TYR B 94 23.27 9.61 4.14
CA TYR B 94 22.24 10.64 4.21
CA TYR B 94 22.26 10.65 4.23
C TYR B 94 21.17 10.25 5.24
N GLN B 95 20.92 8.94 5.39
CA GLN B 95 19.98 8.47 6.42
CA GLN B 95 19.99 8.51 6.44
C GLN B 95 20.76 8.33 7.75
N ALA B 96 20.30 9.02 8.80
CA ALA B 96 20.90 8.92 10.14
C ALA B 96 20.42 7.65 10.90
N GLU B 97 21.19 7.22 11.92
CA GLU B 97 20.73 6.19 12.84
C GLU B 97 21.18 6.55 14.24
N CYS B 98 20.35 7.31 14.97
CA CYS B 98 20.74 7.86 16.30
C CYS B 98 20.55 6.81 17.39
N ARG B 99 19.58 5.91 17.17
CA ARG B 99 19.25 4.77 18.08
C ARG B 99 18.48 5.19 19.35
N GLU B 100 18.17 6.48 19.48
CA GLU B 100 17.60 7.01 20.73
C GLU B 100 16.30 7.78 20.58
N CYS B 101 15.88 8.07 19.34
CA CYS B 101 14.65 8.79 19.09
C CYS B 101 13.46 7.86 19.00
N LYS B 102 12.27 8.44 18.97
CA LYS B 102 11.04 7.68 18.90
C LYS B 102 11.04 6.70 17.72
N PHE B 103 11.59 7.15 16.58
CA PHE B 103 11.56 6.35 15.36
C PHE B 103 12.56 5.22 15.41
N CYS B 104 13.80 5.53 15.77
CA CYS B 104 14.83 4.50 15.98
C CYS B 104 14.41 3.44 17.02
N LYS B 105 13.80 3.87 18.12
CA LYS B 105 13.36 2.92 19.18
C LYS B 105 12.21 1.98 18.73
N SER B 106 11.42 2.40 17.74
CA SER B 106 10.14 1.74 17.45
C SER B 106 10.26 0.31 16.90
N GLY B 107 11.36 -0.01 16.21
CA GLY B 107 11.51 -1.32 15.58
C GLY B 107 10.47 -1.60 14.50
N LYS B 108 9.67 -0.59 14.13
CA LYS B 108 8.71 -0.64 13.01
C LYS B 108 9.14 0.35 11.87
N THR B 109 10.27 1.05 12.11
CA THR B 109 10.91 1.92 11.11
C THR B 109 12.33 2.33 11.53
N ASN B 110 13.00 3.10 10.65
CA ASN B 110 14.17 3.89 11.03
C ASN B 110 14.42 5.07 10.05
N LEU B 111 13.47 6.02 10.04
CA LEU B 111 13.64 7.35 9.41
C LEU B 111 13.82 8.34 10.58
N CYS B 112 15.00 8.23 11.16
CA CYS B 112 15.46 8.95 12.33
C CYS B 112 15.42 10.47 12.18
N GLY B 113 15.12 11.21 13.24
CA GLY B 113 15.02 12.66 13.11
C GLY B 113 16.06 13.47 13.86
N LYS B 114 17.05 12.79 14.41
CA LYS B 114 17.84 13.43 15.42
C LYS B 114 18.53 14.72 14.90
N VAL B 115 18.94 14.76 13.62
CA VAL B 115 19.80 15.91 13.17
C VAL B 115 19.29 16.61 11.93
N ARG B 116 18.08 16.23 11.54
CA ARG B 116 17.54 16.68 10.29
C ARG B 116 17.18 18.18 10.36
N SER B 117 16.97 18.77 11.55
CA SER B 117 16.70 20.21 11.58
C SER B 117 17.92 21.01 11.12
N ALA B 118 19.12 20.50 11.36
CA ALA B 118 20.33 21.12 10.88
C ALA B 118 20.62 20.69 9.42
N THR B 119 20.67 19.39 9.19
CA THR B 119 21.11 18.90 7.88
C THR B 119 20.17 19.37 6.78
N GLY B 120 18.89 19.46 7.10
CA GLY B 120 17.90 19.91 6.14
C GLY B 120 18.04 21.36 5.70
N VAL B 121 18.80 22.16 6.46
CA VAL B 121 19.11 23.55 6.07
C VAL B 121 20.60 23.84 5.97
N GLY B 122 21.39 22.78 5.76
CA GLY B 122 22.74 22.89 5.20
C GLY B 122 23.76 23.23 6.21
N ILE B 123 23.44 22.95 7.46
CA ILE B 123 24.32 23.30 8.61
C ILE B 123 24.45 22.16 9.62
N MET B 124 25.18 22.39 10.70
CA MET B 124 25.49 21.39 11.72
C MET B 124 24.69 21.68 12.98
N MET B 125 24.27 20.62 13.66
CA MET B 125 23.47 20.71 14.89
CA MET B 125 23.44 20.76 14.85
C MET B 125 24.17 21.54 15.96
N ASN B 126 25.47 21.33 16.13
CA ASN B 126 26.14 21.85 17.33
C ASN B 126 26.15 23.38 17.45
N ASP B 127 26.32 24.09 16.34
CA ASP B 127 26.33 25.57 16.39
C ASP B 127 25.48 26.18 15.29
N ARG B 128 24.73 25.34 14.58
CA ARG B 128 23.92 25.77 13.48
C ARG B 128 24.63 26.66 12.46
N LYS B 129 25.91 26.37 12.24
CA LYS B 129 26.67 26.92 11.13
C LYS B 129 27.27 25.82 10.28
N SER B 130 27.81 26.22 9.14
CA SER B 130 28.48 25.36 8.20
C SER B 130 29.94 25.23 8.56
N ARG B 131 30.55 24.13 8.15
CA ARG B 131 31.95 23.89 8.40
C ARG B 131 32.76 24.27 7.16
N PHE B 132 32.07 24.68 6.11
CA PHE B 132 32.72 24.96 4.85
C PHE B 132 32.70 26.46 4.57
N SER B 133 33.79 26.95 4.00
CA SER B 133 33.86 28.35 3.58
C SER B 133 34.85 28.55 2.43
N VAL B 134 34.62 29.59 1.65
CA VAL B 134 35.55 29.98 0.60
CA VAL B 134 35.50 30.00 0.56
C VAL B 134 35.70 31.51 0.68
N ASN B 135 36.95 31.95 0.83
CA ASN B 135 37.32 33.36 1.03
C ASN B 135 36.47 33.93 2.15
N GLY B 136 36.30 33.16 3.23
CA GLY B 136 35.57 33.60 4.39
C GLY B 136 34.05 33.59 4.31
N LYS B 137 33.48 33.19 3.18
CA LYS B 137 32.02 33.24 2.95
C LYS B 137 31.49 31.79 3.15
N PRO B 138 30.42 31.59 3.90
CA PRO B 138 29.94 30.21 4.14
C PRO B 138 29.42 29.45 2.90
N ILE B 139 29.68 28.15 2.84
CA ILE B 139 29.14 27.27 1.80
CA ILE B 139 29.15 27.26 1.80
C ILE B 139 28.31 26.25 2.57
N TYR B 140 27.07 26.06 2.18
CA TYR B 140 26.18 25.15 2.89
C TYR B 140 26.53 23.67 2.66
N HIS B 141 26.18 22.86 3.63
CA HIS B 141 26.22 21.39 3.49
C HIS B 141 25.04 20.95 2.71
N PHE B 142 25.07 19.71 2.23
CA PHE B 142 23.99 19.10 1.48
C PHE B 142 23.72 17.68 1.99
N MET B 143 22.47 17.38 2.37
CA MET B 143 22.06 16.02 2.78
C MET B 143 22.84 15.50 3.97
N GLY B 144 23.47 16.43 4.67
CA GLY B 144 24.28 16.12 5.81
C GLY B 144 25.55 15.40 5.46
N THR B 145 25.90 15.35 4.18
CA THR B 145 27.05 14.59 3.78
C THR B 145 28.12 15.44 3.05
N SER B 146 27.73 16.21 2.04
CA SER B 146 28.62 17.02 1.20
C SER B 146 29.90 16.34 0.79
N THR B 147 29.80 15.40 -0.14
CA THR B 147 30.92 14.53 -0.42
C THR B 147 31.67 14.90 -1.67
N PHE B 148 31.27 15.95 -2.40
CA PHE B 148 32.05 16.39 -3.57
C PHE B 148 33.22 17.31 -3.14
N SER B 149 34.06 16.71 -2.30
CA SER B 149 35.10 17.39 -1.56
C SER B 149 36.14 16.37 -1.11
N GLN B 150 37.38 16.81 -0.99
CA GLN B 150 38.41 15.99 -0.35
C GLN B 150 38.19 15.71 1.14
N TYR B 151 37.47 16.61 1.80
CA TYR B 151 37.16 16.46 3.20
C TYR B 151 35.79 16.98 3.38
N THR B 152 35.09 16.37 4.34
CA THR B 152 33.76 16.79 4.74
C THR B 152 33.61 16.61 6.24
N VAL B 153 32.58 17.22 6.83
CA VAL B 153 32.30 17.06 8.24
C VAL B 153 30.84 16.65 8.32
N VAL B 154 30.58 15.59 9.08
CA VAL B 154 29.24 14.96 9.19
C VAL B 154 28.92 14.65 10.63
N HIS B 155 27.64 14.52 10.94
CA HIS B 155 27.21 14.15 12.26
C HIS B 155 27.54 12.71 12.46
N ASP B 156 28.00 12.38 13.64
CA ASP B 156 28.40 10.99 13.92
C ASP B 156 27.30 9.96 13.76
N VAL B 157 26.04 10.36 13.93
CA VAL B 157 24.94 9.43 13.82
C VAL B 157 24.69 9.06 12.35
N SER B 158 25.47 9.65 11.44
CA SER B 158 25.32 9.38 10.02
C SER B 158 26.55 8.66 9.47
N VAL B 159 27.45 8.25 10.35
CA VAL B 159 28.70 7.66 9.85
C VAL B 159 28.72 6.15 10.11
N ALA B 160 28.74 5.37 9.04
CA ALA B 160 28.93 3.94 9.14
C ALA B 160 30.41 3.52 9.15
N LYS B 161 30.83 2.77 10.17
CA LYS B 161 32.21 2.18 10.19
C LYS B 161 32.31 0.83 9.46
N ILE B 162 33.19 0.73 8.46
CA ILE B 162 33.24 -0.41 7.63
C ILE B 162 34.55 -1.16 7.68
N ASP B 163 34.55 -2.31 7.03
CA ASP B 163 35.76 -3.14 6.85
C ASP B 163 36.91 -2.32 6.24
N PRO B 164 38.02 -2.19 6.99
CA PRO B 164 39.15 -1.38 6.52
C PRO B 164 39.86 -1.94 5.33
N THR B 165 39.59 -3.17 4.92
CA THR B 165 40.17 -3.72 3.67
C THR B 165 39.28 -3.57 2.44
N ALA B 166 38.04 -3.10 2.60
CA ALA B 166 37.14 -2.97 1.47
C ALA B 166 37.64 -1.84 0.56
N PRO B 167 37.61 -2.05 -0.76
CA PRO B 167 38.04 -1.01 -1.70
C PRO B 167 37.08 0.20 -1.66
N LEU B 168 37.65 1.34 -1.30
CA LEU B 168 36.87 2.56 -1.14
C LEU B 168 36.30 3.08 -2.43
N ASP B 169 36.91 2.73 -3.57
CA ASP B 169 36.33 3.12 -4.85
C ASP B 169 35.18 2.26 -5.36
N LYS B 170 34.77 1.30 -4.59
CA LYS B 170 33.63 0.41 -4.94
C LYS B 170 32.54 0.60 -3.87
N VAL B 171 32.91 0.52 -2.61
CA VAL B 171 31.92 0.59 -1.54
C VAL B 171 31.33 2.00 -1.34
N CYS B 172 31.87 3.03 -1.99
CA CYS B 172 31.21 4.34 -1.99
C CYS B 172 29.77 4.25 -2.51
N LEU B 173 29.43 3.15 -3.16
CA LEU B 173 28.06 2.95 -3.67
C LEU B 173 27.06 2.47 -2.62
N LEU B 174 27.53 2.05 -1.47
CA LEU B 174 26.69 1.33 -0.52
C LEU B 174 26.05 2.25 0.49
N GLY B 175 26.11 3.55 0.25
CA GLY B 175 25.26 4.49 1.03
C GLY B 175 24.00 5.01 0.34
N CYS B 176 23.61 4.48 -0.85
CA CYS B 176 22.39 4.99 -1.51
C CYS B 176 21.59 4.01 -2.35
N GLY B 177 21.91 3.93 -3.63
CA GLY B 177 21.06 3.28 -4.59
C GLY B 177 21.02 1.77 -4.45
N VAL B 178 22.17 1.17 -4.20
CA VAL B 178 22.27 -0.27 -4.16
C VAL B 178 21.56 -0.82 -2.94
N PRO B 179 21.78 -0.23 -1.77
CA PRO B 179 21.03 -0.73 -0.63
C PRO B 179 19.54 -0.47 -0.70
N THR B 180 19.16 0.62 -1.32
CA THR B 180 17.74 0.91 -1.46
C THR B 180 17.08 -0.19 -2.32
N GLY B 181 17.66 -0.55 -3.42
CA GLY B 181 17.15 -1.63 -4.26
C GLY B 181 17.16 -2.98 -3.59
N LEU B 182 18.29 -3.36 -3.02
CA LEU B 182 18.35 -4.64 -2.33
C LEU B 182 17.28 -4.78 -1.25
N GLY B 183 17.19 -3.74 -0.43
CA GLY B 183 16.34 -3.65 0.72
C GLY B 183 14.90 -3.56 0.39
N ALA B 184 14.61 -2.92 -0.74
CA ALA B 184 13.26 -2.92 -1.28
C ALA B 184 12.69 -4.35 -1.41
N VAL B 185 13.53 -5.25 -1.88
CA VAL B 185 13.17 -6.66 -2.01
C VAL B 185 13.18 -7.40 -0.70
N TRP B 186 14.29 -7.29 0.04
CA TRP B 186 14.51 -8.13 1.21
C TRP B 186 13.77 -7.69 2.47
N ASN B 187 13.61 -6.39 2.63
CA ASN B 187 13.06 -5.81 3.84
C ASN B 187 11.68 -5.28 3.64
N THR B 188 11.48 -4.46 2.61
CA THR B 188 10.17 -3.88 2.39
C THR B 188 9.14 -4.89 1.79
N ALA B 189 9.46 -5.55 0.67
CA ALA B 189 8.50 -6.48 0.07
C ALA B 189 8.63 -7.86 0.73
N LYS B 190 9.82 -8.23 1.15
CA LYS B 190 10.09 -9.61 1.66
C LYS B 190 9.70 -10.68 0.62
N VAL B 191 10.29 -10.56 -0.56
CA VAL B 191 10.00 -11.43 -1.69
C VAL B 191 10.40 -12.89 -1.40
N GLU B 192 9.46 -13.79 -1.59
CA GLU B 192 9.65 -15.21 -1.38
C GLU B 192 10.26 -15.93 -2.58
N PRO B 193 10.92 -17.08 -2.34
CA PRO B 193 11.36 -17.92 -3.45
C PRO B 193 10.21 -18.35 -4.30
N GLY B 194 10.41 -18.33 -5.58
CA GLY B 194 9.36 -18.58 -6.52
C GLY B 194 8.50 -17.42 -7.02
N SER B 195 8.63 -16.26 -6.39
CA SER B 195 7.87 -15.08 -6.76
C SER B 195 8.17 -14.59 -8.16
N ASN B 196 7.17 -14.04 -8.81
CA ASN B 196 7.37 -13.34 -10.04
C ASN B 196 7.37 -11.86 -9.74
N VAL B 197 8.34 -11.16 -10.31
CA VAL B 197 8.50 -9.75 -10.05
C VAL B 197 8.65 -8.94 -11.37
N ALA B 198 8.20 -7.69 -11.33
CA ALA B 198 8.43 -6.74 -12.39
C ALA B 198 9.16 -5.54 -11.86
N ILE B 199 10.12 -5.04 -12.63
CA ILE B 199 10.95 -3.97 -12.17
C ILE B 199 10.88 -2.84 -13.20
N PHE B 200 10.39 -1.68 -12.79
CA PHE B 200 10.18 -0.53 -13.74
C PHE B 200 11.35 0.43 -13.59
N GLY B 201 12.20 0.42 -14.59
CA GLY B 201 13.44 1.23 -14.56
C GLY B 201 14.65 0.37 -14.24
N LEU B 202 15.56 0.24 -15.19
CA LEU B 202 16.78 -0.52 -15.00
C LEU B 202 18.06 0.34 -14.96
N GLY B 203 18.02 1.39 -14.13
CA GLY B 203 19.22 2.09 -13.68
C GLY B 203 19.72 1.35 -12.44
N THR B 204 20.58 1.99 -11.69
CA THR B 204 21.27 1.40 -10.56
C THR B 204 20.29 0.77 -9.56
N VAL B 205 19.22 1.50 -9.25
CA VAL B 205 18.23 1.06 -8.25
C VAL B 205 17.49 -0.17 -8.77
N GLY B 206 17.00 -0.10 -10.00
CA GLY B 206 16.34 -1.23 -10.63
C GLY B 206 17.20 -2.48 -10.73
N LEU B 207 18.48 -2.30 -11.08
CA LEU B 207 19.39 -3.41 -11.15
C LEU B 207 19.67 -4.01 -9.80
N ALA B 208 19.70 -3.18 -8.76
CA ALA B 208 19.85 -3.63 -7.39
C ALA B 208 18.57 -4.38 -6.91
N VAL B 209 17.39 -3.95 -7.33
CA VAL B 209 16.17 -4.71 -7.11
C VAL B 209 16.26 -6.09 -7.78
N ALA B 210 16.81 -6.12 -9.00
CA ALA B 210 16.95 -7.38 -9.71
C ALA B 210 17.88 -8.35 -9.01
N GLU B 211 19.05 -7.83 -8.62
CA GLU B 211 19.97 -8.61 -7.82
C GLU B 211 19.32 -9.09 -6.53
N GLY B 212 18.59 -8.23 -5.85
CA GLY B 212 17.85 -8.59 -4.65
C GLY B 212 16.85 -9.72 -4.88
N ALA B 213 16.09 -9.58 -5.96
CA ALA B 213 15.06 -10.57 -6.26
C ALA B 213 15.72 -11.89 -6.63
N LYS B 214 16.76 -11.80 -7.46
CA LYS B 214 17.55 -12.98 -7.84
C LYS B 214 18.00 -13.71 -6.57
N THR B 215 18.66 -12.99 -5.65
CA THR B 215 19.19 -13.53 -4.42
C THR B 215 18.12 -14.11 -3.51
N ALA B 216 16.95 -13.51 -3.57
CA ALA B 216 15.78 -13.99 -2.77
C ALA B 216 15.12 -15.28 -3.31
N GLY B 217 15.44 -15.61 -4.57
CA GLY B 217 14.94 -16.75 -5.23
C GLY B 217 13.73 -16.49 -6.11
N ALA B 218 13.52 -15.27 -6.57
CA ALA B 218 12.42 -15.02 -7.57
C ALA B 218 12.59 -15.84 -8.79
N SER B 219 11.45 -16.19 -9.41
CA SER B 219 11.43 -16.90 -10.70
C SER B 219 11.48 -15.94 -11.87
N ARG B 220 10.35 -15.38 -12.27
CA ARG B 220 10.36 -14.41 -13.36
C ARG B 220 10.76 -13.05 -12.80
N ILE B 221 11.78 -12.46 -13.43
CA ILE B 221 12.33 -11.13 -13.05
C ILE B 221 12.26 -10.32 -14.35
N ILE B 222 11.14 -9.59 -14.46
CA ILE B 222 10.74 -8.98 -15.68
C ILE B 222 11.11 -7.52 -15.60
N GLY B 223 12.05 -7.12 -16.46
CA GLY B 223 12.49 -5.73 -16.49
C GLY B 223 11.69 -4.91 -17.48
N ILE B 224 11.38 -3.69 -17.14
CA ILE B 224 10.66 -2.78 -18.03
C ILE B 224 11.47 -1.47 -18.13
N ASP B 225 11.85 -1.13 -19.36
CA ASP B 225 12.59 0.11 -19.60
C ASP B 225 12.31 0.58 -21.02
N ILE B 226 12.30 1.90 -21.16
CA ILE B 226 12.06 2.52 -22.46
C ILE B 226 13.29 2.48 -23.34
N ASP B 227 14.42 2.10 -22.75
CA ASP B 227 15.68 1.97 -23.46
C ASP B 227 16.02 0.51 -23.54
N SER B 228 15.82 -0.07 -24.71
CA SER B 228 15.98 -1.50 -24.90
C SER B 228 17.40 -2.00 -24.71
N LYS B 229 18.38 -1.12 -24.84
CA LYS B 229 19.77 -1.47 -24.59
C LYS B 229 20.03 -1.83 -23.11
N LYS B 230 19.22 -1.34 -22.18
CA LYS B 230 19.35 -1.72 -20.76
C LYS B 230 19.14 -3.21 -20.45
N TYR B 231 18.56 -3.98 -21.35
CA TYR B 231 18.29 -5.40 -21.09
C TYR B 231 19.59 -6.19 -21.03
N GLU B 232 20.46 -5.98 -22.00
CA GLU B 232 21.70 -6.78 -22.05
C GLU B 232 22.49 -6.53 -20.76
N THR B 233 22.56 -5.29 -20.35
CA THR B 233 23.22 -4.95 -19.10
C THR B 233 22.55 -5.64 -17.91
N ALA B 234 21.23 -5.63 -17.89
CA ALA B 234 20.48 -6.08 -16.70
C ALA B 234 20.52 -7.59 -16.52
N LYS B 235 20.81 -8.35 -17.58
CA LYS B 235 20.75 -9.81 -17.51
C LYS B 235 21.68 -10.32 -16.44
N LYS B 236 22.86 -9.70 -16.32
CA LYS B 236 23.82 -10.16 -15.34
C LYS B 236 23.41 -9.83 -13.89
N PHE B 237 22.49 -8.88 -13.72
CA PHE B 237 21.99 -8.56 -12.38
C PHE B 237 20.75 -9.40 -12.03
N GLY B 238 20.21 -10.14 -13.01
CA GLY B 238 19.16 -11.11 -12.73
C GLY B 238 17.87 -10.95 -13.49
N VAL B 239 17.71 -9.84 -14.24
CA VAL B 239 16.51 -9.68 -15.05
CA VAL B 239 16.53 -9.65 -15.10
C VAL B 239 16.53 -10.75 -16.14
N ASN B 240 15.39 -11.43 -16.33
CA ASN B 240 15.40 -12.56 -17.28
C ASN B 240 14.27 -12.54 -18.30
N GLU B 241 13.51 -11.47 -18.28
CA GLU B 241 12.55 -11.12 -19.31
C GLU B 241 12.57 -9.62 -19.39
N PHE B 242 12.23 -9.09 -20.54
CA PHE B 242 12.26 -7.66 -20.76
C PHE B 242 11.09 -7.19 -21.63
N VAL B 243 10.48 -6.09 -21.19
CA VAL B 243 9.48 -5.37 -21.96
C VAL B 243 9.83 -3.91 -22.13
N ASN B 244 9.85 -3.45 -23.40
CA ASN B 244 9.95 -2.01 -23.69
C ASN B 244 8.51 -1.54 -23.99
N PRO B 245 7.94 -0.70 -23.15
CA PRO B 245 6.61 -0.15 -23.30
C PRO B 245 6.31 0.47 -24.70
N LYS B 246 7.34 1.07 -25.30
CA LYS B 246 7.26 1.61 -26.66
C LYS B 246 6.99 0.57 -27.72
N ASP B 247 7.23 -0.70 -27.42
CA ASP B 247 6.90 -1.78 -28.34
C ASP B 247 5.44 -2.18 -28.28
N HIS B 248 4.63 -1.49 -27.48
CA HIS B 248 3.22 -1.89 -27.30
C HIS B 248 2.31 -0.71 -27.31
N ASP B 249 1.12 -0.91 -27.91
CA ASP B 249 0.08 0.12 -27.95
C ASP B 249 -0.65 0.21 -26.63
N LYS B 250 -0.91 -0.96 -26.02
CA LYS B 250 -1.60 -1.02 -24.76
C LYS B 250 -0.74 -0.42 -23.64
N PRO B 251 -1.38 0.11 -22.59
CA PRO B 251 -0.58 0.52 -21.44
C PRO B 251 0.26 -0.63 -20.89
N ILE B 252 1.47 -0.32 -20.48
CA ILE B 252 2.41 -1.37 -19.98
C ILE B 252 1.79 -2.26 -18.88
N GLN B 253 0.93 -1.72 -18.02
CA GLN B 253 0.34 -2.55 -16.96
C GLN B 253 -0.44 -3.71 -17.55
N GLU B 254 -1.13 -3.43 -18.64
CA GLU B 254 -1.97 -4.41 -19.30
C GLU B 254 -1.10 -5.42 -19.99
N VAL B 255 0.01 -4.94 -20.54
CA VAL B 255 0.99 -5.81 -21.18
C VAL B 255 1.61 -6.83 -20.20
N ILE B 256 1.98 -6.34 -18.99
CA ILE B 256 2.52 -7.20 -17.96
C ILE B 256 1.47 -8.22 -17.45
N VAL B 257 0.25 -7.77 -17.20
CA VAL B 257 -0.82 -8.65 -16.76
C VAL B 257 -0.98 -9.79 -17.78
N ASP B 258 -1.01 -9.45 -19.08
CA ASP B 258 -1.12 -10.48 -20.14
C ASP B 258 0.06 -11.41 -20.14
N LEU B 259 1.25 -10.85 -20.03
CA LEU B 259 2.47 -11.66 -20.03
C LEU B 259 2.54 -12.65 -18.86
N THR B 260 1.92 -12.31 -17.75
CA THR B 260 1.99 -13.12 -16.54
C THR B 260 0.66 -13.79 -16.20
N ASP B 261 -0.27 -13.78 -17.14
CA ASP B 261 -1.58 -14.37 -16.94
CA ASP B 261 -1.66 -14.28 -16.94
C ASP B 261 -2.21 -13.90 -15.58
N GLY B 262 -2.20 -12.58 -15.32
CA GLY B 262 -2.85 -12.05 -14.13
C GLY B 262 -2.11 -10.94 -13.43
N GLY B 263 -0.81 -10.92 -13.59
CA GLY B 263 0.01 -9.96 -12.86
C GLY B 263 1.12 -10.63 -12.08
N VAL B 264 2.05 -9.80 -11.60
CA VAL B 264 3.21 -10.23 -10.82
C VAL B 264 2.85 -10.27 -9.32
N ASP B 265 3.62 -11.03 -8.59
CA ASP B 265 3.49 -11.10 -7.17
C ASP B 265 4.01 -9.82 -6.54
N TYR B 266 5.09 -9.25 -7.10
CA TYR B 266 5.61 -8.01 -6.63
C TYR B 266 6.10 -7.14 -7.76
N SER B 267 5.85 -5.84 -7.65
CA SER B 267 6.44 -4.89 -8.54
C SER B 267 7.14 -3.75 -7.81
N PHE B 268 8.12 -3.18 -8.52
CA PHE B 268 9.02 -2.21 -8.00
C PHE B 268 9.14 -1.08 -9.00
N GLU B 269 8.75 0.11 -8.60
CA GLU B 269 8.98 1.33 -9.40
C GLU B 269 10.29 1.99 -9.01
N CYS B 270 11.21 2.04 -9.96
CA CYS B 270 12.59 2.51 -9.74
C CYS B 270 13.01 3.69 -10.63
N ILE B 271 12.08 4.58 -10.88
CA ILE B 271 12.28 5.69 -11.81
C ILE B 271 11.95 6.97 -11.09
N GLY B 272 10.78 7.02 -10.45
CA GLY B 272 10.30 8.22 -9.81
C GLY B 272 9.25 8.98 -10.63
N ASN B 273 8.55 8.28 -11.50
CA ASN B 273 7.49 8.79 -12.36
C ASN B 273 6.16 8.30 -11.87
N VAL B 274 5.25 9.20 -11.51
CA VAL B 274 3.96 8.80 -10.90
C VAL B 274 3.04 8.00 -11.77
N SER B 275 3.13 8.22 -13.09
N SER B 275 3.13 8.18 -13.09
CA SER B 275 2.43 7.44 -14.07
CA SER B 275 2.38 7.35 -14.02
C SER B 275 2.90 5.99 -14.06
C SER B 275 2.90 5.93 -14.07
N VAL B 276 4.22 5.78 -14.06
CA VAL B 276 4.81 4.45 -13.94
C VAL B 276 4.53 3.79 -12.58
N MET B 277 4.46 4.57 -11.50
CA MET B 277 4.11 4.05 -10.20
C MET B 277 2.70 3.47 -10.23
N ARG B 278 1.79 4.10 -10.96
CA ARG B 278 0.47 3.55 -11.12
C ARG B 278 0.48 2.28 -11.94
N ALA B 279 1.21 2.28 -13.04
CA ALA B 279 1.35 1.08 -13.84
C ALA B 279 1.91 -0.09 -12.99
N ALA B 280 2.95 0.18 -12.20
CA ALA B 280 3.52 -0.84 -11.31
C ALA B 280 2.44 -1.47 -10.42
N LEU B 281 1.58 -0.67 -9.80
CA LEU B 281 0.53 -1.20 -8.93
C LEU B 281 -0.46 -2.04 -9.72
N GLU B 282 -0.86 -1.51 -10.89
CA GLU B 282 -1.92 -2.12 -11.68
C GLU B 282 -1.51 -3.36 -12.43
N CYS B 283 -0.21 -3.62 -12.49
CA CYS B 283 0.33 -4.84 -13.04
C CYS B 283 0.53 -5.98 -11.99
N CYS B 284 0.25 -5.70 -10.71
CA CYS B 284 0.27 -6.69 -9.61
C CYS B 284 -0.95 -7.61 -9.67
N HIS B 285 -0.74 -8.85 -9.26
CA HIS B 285 -1.75 -9.87 -9.33
C HIS B 285 -2.86 -9.57 -8.37
N LYS B 286 -4.08 -9.78 -8.80
CA LYS B 286 -5.21 -9.67 -7.89
C LYS B 286 -4.99 -10.56 -6.68
N GLY B 287 -5.52 -10.15 -5.53
CA GLY B 287 -5.52 -10.99 -4.32
C GLY B 287 -4.35 -10.76 -3.38
N TRP B 288 -3.16 -10.68 -3.96
CA TRP B 288 -1.97 -10.61 -3.13
C TRP B 288 -0.84 -9.77 -3.67
N GLY B 289 -0.98 -9.22 -4.86
CA GLY B 289 0.19 -8.57 -5.49
C GLY B 289 0.54 -7.29 -4.70
N THR B 290 1.83 -7.03 -4.53
CA THR B 290 2.30 -5.84 -3.83
C THR B 290 3.26 -4.97 -4.67
N SER B 291 3.08 -3.66 -4.64
CA SER B 291 3.94 -2.79 -5.40
C SER B 291 4.66 -1.85 -4.47
N VAL B 292 5.96 -1.75 -4.70
CA VAL B 292 6.80 -0.94 -3.88
C VAL B 292 7.36 0.26 -4.70
N ILE B 293 7.11 1.45 -4.21
CA ILE B 293 7.74 2.64 -4.81
C ILE B 293 9.11 2.76 -4.22
N VAL B 294 10.13 2.69 -5.05
CA VAL B 294 11.50 2.57 -4.54
C VAL B 294 12.27 3.88 -4.59
N GLY B 295 12.54 4.39 -3.40
CA GLY B 295 13.26 5.63 -3.19
C GLY B 295 12.37 6.85 -3.33
N VAL B 296 12.81 7.94 -2.68
CA VAL B 296 12.14 9.25 -2.67
C VAL B 296 12.20 9.77 -4.12
N ALA B 297 11.03 9.88 -4.77
CA ALA B 297 10.92 10.40 -6.15
C ALA B 297 11.20 11.87 -6.24
N ALA B 298 10.81 12.61 -5.19
CA ALA B 298 10.74 14.09 -5.22
C ALA B 298 9.92 14.55 -6.45
N SER B 299 8.92 13.75 -6.82
CA SER B 299 8.09 14.11 -7.99
C SER B 299 7.40 15.50 -7.86
N GLY B 300 6.90 15.85 -6.65
CA GLY B 300 5.89 16.96 -6.38
C GLY B 300 4.40 16.64 -6.71
N GLN B 301 4.23 15.52 -7.41
CA GLN B 301 3.05 15.11 -8.08
C GLN B 301 2.34 14.00 -7.31
N GLU B 302 1.15 13.60 -7.79
CA GLU B 302 0.34 12.62 -7.15
C GLU B 302 0.31 11.32 -7.88
N ILE B 303 0.27 10.23 -7.13
CA ILE B 303 -0.02 8.93 -7.69
C ILE B 303 -1.51 8.74 -7.61
N SER B 304 -2.05 7.95 -8.52
CA SER B 304 -3.49 7.68 -8.60
C SER B 304 -3.81 6.25 -8.99
N THR B 305 -4.94 5.72 -8.51
CA THR B 305 -5.46 4.47 -9.04
C THR B 305 -6.92 4.40 -8.67
N ARG B 306 -7.62 3.42 -9.20
CA ARG B 306 -9.00 3.15 -8.73
C ARG B 306 -8.92 2.26 -7.46
N PRO B 307 -9.63 2.65 -6.42
CA PRO B 307 -9.52 1.92 -5.18
C PRO B 307 -9.92 0.44 -5.30
N PHE B 308 -10.74 0.07 -6.27
CA PHE B 308 -10.92 -1.35 -6.61
C PHE B 308 -9.64 -2.18 -6.63
N GLN B 309 -8.55 -1.56 -7.05
CA GLN B 309 -7.27 -2.21 -7.11
C GLN B 309 -6.80 -2.72 -5.72
N LEU B 310 -7.00 -1.92 -4.69
CA LEU B 310 -6.67 -2.25 -3.33
C LEU B 310 -7.74 -3.12 -2.67
N VAL B 311 -9.02 -2.81 -2.89
CA VAL B 311 -10.09 -3.68 -2.40
C VAL B 311 -9.91 -5.14 -2.86
N THR B 312 -9.52 -5.35 -4.14
CA THR B 312 -9.32 -6.67 -4.65
C THR B 312 -7.89 -7.21 -4.43
N GLY B 313 -7.19 -6.63 -3.48
CA GLY B 313 -6.10 -7.34 -2.80
C GLY B 313 -4.71 -6.85 -3.07
N ARG B 314 -4.56 -5.80 -3.87
CA ARG B 314 -3.20 -5.28 -4.10
C ARG B 314 -2.83 -4.37 -2.95
N VAL B 315 -1.51 -4.29 -2.66
CA VAL B 315 -1.03 -3.53 -1.59
C VAL B 315 0.03 -2.52 -2.14
N TRP B 316 -0.04 -1.29 -1.67
CA TRP B 316 0.83 -0.20 -2.14
C TRP B 316 1.72 0.24 -1.04
N LYS B 317 3.01 0.16 -1.30
CA LYS B 317 4.01 0.51 -0.30
C LYS B 317 5.14 1.27 -0.98
N GLY B 318 6.10 1.69 -0.17
CA GLY B 318 7.26 2.40 -0.67
C GLY B 318 8.37 2.24 0.33
N THR B 319 9.57 2.67 -0.06
CA THR B 319 10.76 2.56 0.80
C THR B 319 11.74 3.70 0.57
N ALA B 320 12.47 4.17 1.60
CA ALA B 320 13.43 5.30 1.42
C ALA B 320 14.86 4.84 1.10
N PHE B 321 15.33 3.90 1.92
CA PHE B 321 16.68 3.34 1.87
C PHE B 321 16.57 1.86 2.10
N GLY B 322 15.59 1.23 1.46
CA GLY B 322 15.47 -0.21 1.45
C GLY B 322 15.18 -0.78 2.80
N GLY B 323 14.77 0.04 3.75
CA GLY B 323 14.54 -0.41 5.10
C GLY B 323 15.79 -0.68 5.92
N PHE B 324 16.95 -0.34 5.39
CA PHE B 324 18.19 -0.56 6.12
C PHE B 324 18.47 0.54 7.15
N LYS B 325 19.03 0.11 8.29
CA LYS B 325 19.54 1.02 9.29
C LYS B 325 20.96 1.31 8.90
N SER B 326 21.25 2.58 8.68
CA SER B 326 22.51 2.97 8.04
C SER B 326 23.72 2.55 8.85
N ARG B 327 23.80 2.96 10.10
CA ARG B 327 25.01 2.67 10.80
C ARG B 327 25.19 1.18 11.12
N THR B 328 24.08 0.48 11.32
CA THR B 328 24.12 -0.93 11.71
C THR B 328 24.36 -1.78 10.49
N GLN B 329 23.68 -1.48 9.38
CA GLN B 329 23.62 -2.43 8.29
C GLN B 329 24.45 -2.10 7.07
N VAL B 330 24.83 -0.84 6.86
CA VAL B 330 25.69 -0.53 5.70
C VAL B 330 27.02 -1.35 5.89
N PRO B 331 27.55 -1.44 7.07
CA PRO B 331 28.75 -2.29 7.32
C PRO B 331 28.52 -3.78 7.00
N TRP B 332 27.33 -4.26 7.34
CA TRP B 332 26.90 -5.60 6.97
C TRP B 332 26.85 -5.76 5.44
N LEU B 333 26.33 -4.75 4.72
CA LEU B 333 26.35 -4.84 3.28
C LEU B 333 27.76 -4.88 2.73
N VAL B 334 28.63 -4.08 3.30
CA VAL B 334 30.05 -4.16 2.94
C VAL B 334 30.61 -5.61 3.21
N GLU B 335 30.24 -6.25 4.32
CA GLU B 335 30.68 -7.64 4.55
C GLU B 335 30.19 -8.55 3.46
N LYS B 336 28.90 -8.45 3.10
CA LYS B 336 28.35 -9.28 2.01
C LYS B 336 29.16 -9.07 0.75
N TYR B 337 29.43 -7.78 0.44
CA TYR B 337 30.21 -7.45 -0.76
C TYR B 337 31.58 -8.13 -0.67
N MET B 338 32.22 -8.04 0.50
CA MET B 338 33.56 -8.59 0.64
C MET B 338 33.53 -10.12 0.47
N ASN B 339 32.39 -10.71 0.80
CA ASN B 339 32.20 -12.16 0.75
C ASN B 339 31.50 -12.60 -0.52
N LYS B 340 31.44 -11.71 -1.48
CA LYS B 340 30.97 -11.96 -2.84
C LYS B 340 29.51 -12.35 -2.89
N GLU B 341 28.75 -11.97 -1.89
CA GLU B 341 27.32 -12.20 -1.89
C GLU B 341 26.46 -11.09 -2.47
N ILE B 342 27.05 -9.90 -2.63
CA ILE B 342 26.36 -8.87 -3.38
C ILE B 342 27.33 -8.24 -4.37
N LYS B 343 26.82 -7.91 -5.53
CA LYS B 343 27.55 -7.13 -6.49
C LYS B 343 27.63 -5.67 -6.12
N VAL B 344 28.78 -5.07 -6.42
CA VAL B 344 28.93 -3.62 -6.40
C VAL B 344 29.70 -3.13 -7.60
N ASP B 345 30.78 -3.84 -7.96
CA ASP B 345 31.66 -3.35 -8.97
C ASP B 345 30.94 -3.15 -10.29
N GLU B 346 30.01 -4.05 -10.59
CA GLU B 346 29.28 -4.07 -11.85
C GLU B 346 28.38 -2.86 -12.04
N TYR B 347 28.06 -2.15 -10.99
CA TYR B 347 27.29 -0.91 -11.19
C TYR B 347 28.14 0.24 -11.71
N ILE B 348 29.46 0.11 -11.65
CA ILE B 348 30.32 1.30 -11.95
C ILE B 348 30.74 1.26 -13.38
N THR B 349 30.19 2.17 -14.18
CA THR B 349 30.45 2.24 -15.60
C THR B 349 31.58 3.27 -15.96
N HIS B 350 31.93 4.19 -15.08
CA HIS B 350 32.93 5.23 -15.36
C HIS B 350 33.60 5.63 -14.09
N ASN B 351 34.90 5.86 -14.21
CA ASN B 351 35.70 6.38 -13.17
C ASN B 351 36.31 7.66 -13.63
N LEU B 352 36.01 8.75 -12.93
CA LEU B 352 36.56 10.04 -13.33
C LEU B 352 37.24 10.64 -12.10
N THR B 353 37.42 11.93 -12.14
CA THR B 353 38.08 12.66 -11.10
CA THR B 353 38.08 12.65 -11.12
C THR B 353 37.18 13.80 -10.60
N LEU B 354 37.42 14.26 -9.39
CA LEU B 354 36.64 15.38 -8.87
C LEU B 354 36.81 16.62 -9.78
N GLY B 355 38.03 16.84 -10.29
CA GLY B 355 38.34 17.89 -11.26
C GLY B 355 37.46 17.80 -12.48
N GLU B 356 37.09 16.58 -12.87
CA GLU B 356 36.23 16.33 -14.03
C GLU B 356 34.72 16.27 -13.70
N ILE B 357 34.30 16.78 -12.54
CA ILE B 357 32.94 16.55 -12.08
C ILE B 357 31.90 17.07 -13.09
N ASN B 358 32.16 18.20 -13.76
CA ASN B 358 31.16 18.68 -14.75
C ASN B 358 30.97 17.70 -15.90
N LYS B 359 32.06 17.12 -16.39
CA LYS B 359 31.92 16.07 -17.42
CA LYS B 359 31.96 16.06 -17.40
C LYS B 359 31.08 14.93 -16.85
N ALA B 360 31.31 14.54 -15.59
CA ALA B 360 30.51 13.49 -14.98
C ALA B 360 29.03 13.80 -14.95
N PHE B 361 28.63 15.01 -14.53
CA PHE B 361 27.24 15.41 -14.60
C PHE B 361 26.67 15.35 -16.01
N ASP B 362 27.49 15.66 -17.00
CA ASP B 362 27.08 15.54 -18.41
C ASP B 362 26.80 14.08 -18.75
N LEU B 363 27.72 13.19 -18.39
CA LEU B 363 27.42 11.75 -18.49
C LEU B 363 26.12 11.35 -17.82
N LEU B 364 25.83 11.91 -16.63
CA LEU B 364 24.63 11.56 -15.88
CA LEU B 364 24.63 11.56 -15.88
C LEU B 364 23.42 12.04 -16.64
N HIS B 365 23.48 13.30 -17.07
CA HIS B 365 22.41 13.91 -17.82
C HIS B 365 22.11 13.18 -19.11
N GLU B 366 23.11 12.67 -19.86
CA GLU B 366 22.82 11.93 -21.10
CA GLU B 366 22.81 11.92 -21.10
C GLU B 366 22.35 10.48 -20.80
N GLY B 367 22.37 10.09 -19.52
CA GLY B 367 21.90 8.77 -19.10
C GLY B 367 22.92 7.69 -19.35
N THR B 368 24.18 8.05 -19.55
CA THR B 368 25.16 7.04 -19.94
CA THR B 368 25.18 7.08 -19.94
C THR B 368 25.87 6.38 -18.75
N CYS B 369 25.79 6.96 -17.56
CA CYS B 369 26.33 6.26 -16.38
CA CYS B 369 26.29 6.33 -16.31
C CYS B 369 25.29 5.31 -15.81
N LEU B 370 25.76 4.25 -15.18
CA LEU B 370 24.94 3.59 -14.17
C LEU B 370 25.39 4.30 -12.89
N ARG B 371 26.60 4.00 -12.45
CA ARG B 371 27.24 4.83 -11.43
C ARG B 371 28.59 5.33 -11.96
N CYS B 372 28.75 6.64 -11.90
CA CYS B 372 30.01 7.26 -12.21
CA CYS B 372 29.96 7.33 -12.23
C CYS B 372 30.68 7.55 -10.89
N VAL B 373 31.89 7.02 -10.72
CA VAL B 373 32.65 7.19 -9.47
C VAL B 373 33.84 8.18 -9.69
N LEU B 374 34.06 9.09 -8.72
CA LEU B 374 35.03 10.18 -8.80
C LEU B 374 36.13 10.01 -7.79
N ASP B 375 37.37 9.96 -8.27
CA ASP B 375 38.56 10.01 -7.43
C ASP B 375 38.81 11.46 -7.06
N THR B 376 38.80 11.78 -5.76
CA THR B 376 38.90 13.16 -5.29
C THR B 376 40.32 13.76 -5.14
N SER B 377 41.35 12.95 -5.40
CA SER B 377 42.73 13.38 -5.23
C SER B 377 43.13 14.34 -6.34
N LYS B 378 42.34 14.45 -7.39
CA LYS B 378 42.63 15.45 -8.43
C LYS B 378 41.40 15.91 -9.20
#